data_5XAO
#
_entry.id   5XAO
#
_cell.length_a   45.119
_cell.length_b   109.065
_cell.length_c   95.017
_cell.angle_alpha   90.000
_cell.angle_beta   98.830
_cell.angle_gamma   90.000
#
_symmetry.space_group_name_H-M   'P 1 21 1'
#
loop_
_entity.id
_entity.type
_entity.pdbx_description
1 polymer 'Uncharacterized protein'
2 non-polymer 'FLAVIN-ADENINE DINUCLEOTIDE'
3 non-polymer 'ACETIC ACID'
4 non-polymer 'CHLORIDE ION'
5 non-polymer 'SODIUM ION'
6 water water
#
_entity_poly.entity_id   1
_entity_poly.type   'polypeptide(L)'
_entity_poly.pdbx_seq_one_letter_code
;MAPSRANTSVIVVGGGGTIGSSTALHLVRSGYTPSNVTVLDAYPIPSSQSAGNDLAKIMGVSLRNPVDLQLALEARQMWN
EDELFKKFFHNTGRLDCAHGEKDIADLKSGYQALVDAGLDATNEWLDSEDEILKRMPLLSRDQIKGWKAIFSKDGGWLAA
AKAINAVGEYLRDQGVRFGFYGAGSFKAPLLAEGVCIGVETVDGTRYYADKVVLAAGAWSPTLVELHEQCVSKAWVYGHI
QLTPEEAARYKNSPVVYNGDVGFFFEPNEHGVIKVCDEFPGFTRFKMHQPFGAKAPKRISVPRSHAKHPTDTIPDASDVS
IRRAIATFMPQFKNKKMFNQAMCWCTDTADAALLICEHPEWKNFVLATGDSGHSFKLLPNIGKHVVELLEGTLADDLAHA
WRWRPGSGDALKSRRSAPAKDLADMPGWNHDKPRANLLEHHHHHH
;
_entity_poly.pdbx_strand_id   A,C
#
loop_
_chem_comp.id
_chem_comp.type
_chem_comp.name
_chem_comp.formula
ACY non-polymer 'ACETIC ACID' 'C2 H4 O2'
CL non-polymer 'CHLORIDE ION' 'Cl -1'
FAD non-polymer 'FLAVIN-ADENINE DINUCLEOTIDE' 'C27 H33 N9 O15 P2'
NA non-polymer 'SODIUM ION' 'Na 1'
#
# COMPACT_ATOMS: atom_id res chain seq x y z
N MET A 1 11.84 -28.04 12.28
CA MET A 1 12.69 -26.82 12.11
C MET A 1 11.82 -25.56 12.01
N ALA A 2 12.26 -24.49 12.65
CA ALA A 2 11.37 -23.41 13.06
C ALA A 2 11.30 -22.30 12.00
N PRO A 3 10.12 -21.70 11.83
CA PRO A 3 9.47 -21.54 10.53
C PRO A 3 10.00 -20.37 9.70
N SER A 4 9.67 -20.37 8.41
CA SER A 4 9.70 -19.15 7.60
C SER A 4 8.66 -18.16 8.10
N ARG A 5 8.52 -17.03 7.41
CA ARG A 5 7.40 -16.14 7.66
C ARG A 5 6.07 -16.83 7.36
N ALA A 6 6.00 -17.50 6.22
CA ALA A 6 4.75 -18.06 5.73
C ALA A 6 4.22 -19.13 6.68
N ASN A 7 5.10 -19.65 7.53
CA ASN A 7 4.76 -20.77 8.40
C ASN A 7 4.69 -20.37 9.87
N THR A 8 4.89 -19.09 10.15
CA THR A 8 4.96 -18.64 11.54
C THR A 8 3.60 -18.13 12.01
N SER A 9 3.17 -18.63 13.16
CA SER A 9 1.86 -18.28 13.70
C SER A 9 2.04 -17.31 14.86
N VAL A 10 1.19 -16.30 14.91
CA VAL A 10 1.28 -15.26 15.95
C VAL A 10 -0.10 -14.96 16.52
N ILE A 11 -0.21 -14.94 17.85
CA ILE A 11 -1.41 -14.48 18.53
C ILE A 11 -1.19 -13.05 18.99
N VAL A 12 -2.11 -12.16 18.62
CA VAL A 12 -2.08 -10.78 19.12
C VAL A 12 -3.22 -10.59 20.12
N VAL A 13 -2.85 -10.62 21.40
CA VAL A 13 -3.80 -10.33 22.47
C VAL A 13 -4.01 -8.82 22.57
N GLY A 14 -5.27 -8.41 22.56
CA GLY A 14 -5.58 -6.99 22.45
C GLY A 14 -5.53 -6.48 21.01
N GLY A 15 -5.74 -7.39 20.06
CA GLY A 15 -5.65 -7.04 18.64
C GLY A 15 -6.85 -6.24 18.15
N GLY A 16 -7.81 -6.01 19.04
CA GLY A 16 -8.91 -5.09 18.78
C GLY A 16 -8.62 -3.64 19.14
N GLY A 17 -7.42 -3.38 19.65
CA GLY A 17 -7.03 -2.04 20.08
C GLY A 17 -5.97 -1.45 19.16
N THR A 18 -5.34 -0.38 19.60
CA THR A 18 -4.50 0.44 18.73
C THR A 18 -3.22 -0.31 18.33
N ILE A 19 -2.43 -0.68 19.32
CA ILE A 19 -1.13 -1.30 19.03
C ILE A 19 -1.34 -2.70 18.49
N GLY A 20 -2.32 -3.41 19.05
CA GLY A 20 -2.64 -4.76 18.60
C GLY A 20 -3.08 -4.83 17.15
N SER A 21 -3.98 -3.94 16.73
CA SER A 21 -4.48 -3.99 15.37
C SER A 21 -3.39 -3.59 14.38
N SER A 22 -2.59 -2.60 14.76
CA SER A 22 -1.40 -2.26 14.00
C SER A 22 -0.46 -3.44 13.85
N THR A 23 -0.32 -4.24 14.91
CA THR A 23 0.59 -5.37 14.88
C THR A 23 0.07 -6.42 13.90
N ALA A 24 -1.20 -6.81 14.05
CA ALA A 24 -1.87 -7.71 13.11
C ALA A 24 -1.84 -7.20 11.66
N LEU A 25 -2.02 -5.89 11.49
CA LEU A 25 -1.94 -5.30 10.16
C LEU A 25 -0.57 -5.55 9.51
N HIS A 26 0.49 -5.35 10.29
CA HIS A 26 1.83 -5.44 9.72
C HIS A 26 2.36 -6.87 9.61
N LEU A 27 1.81 -7.78 10.40
CA LEU A 27 2.06 -9.18 10.17
C LEU A 27 1.57 -9.52 8.76
N VAL A 28 0.33 -9.16 8.45
CA VAL A 28 -0.26 -9.54 7.19
C VAL A 28 0.42 -8.83 6.02
N ARG A 29 0.62 -7.53 6.16
CA ARG A 29 1.30 -6.75 5.12
C ARG A 29 2.73 -7.24 4.87
N SER A 30 3.39 -7.77 5.89
CA SER A 30 4.78 -8.18 5.73
C SER A 30 4.90 -9.62 5.24
N GLY A 31 3.77 -10.31 5.16
CA GLY A 31 3.70 -11.60 4.45
C GLY A 31 3.55 -12.82 5.34
N TYR A 32 3.11 -12.63 6.57
CA TYR A 32 2.57 -13.75 7.34
C TYR A 32 1.27 -14.21 6.71
N THR A 33 1.04 -15.52 6.70
CA THR A 33 -0.18 -16.08 6.16
C THR A 33 -1.32 -15.70 7.10
N PRO A 34 -2.37 -15.04 6.57
CA PRO A 34 -3.38 -14.45 7.42
C PRO A 34 -3.99 -15.45 8.39
N SER A 35 -4.16 -16.68 7.92
CA SER A 35 -4.78 -17.72 8.72
C SER A 35 -3.85 -18.15 9.86
N ASN A 36 -2.58 -17.74 9.77
CA ASN A 36 -1.63 -18.00 10.84
C ASN A 36 -1.61 -16.90 11.88
N VAL A 37 -2.37 -15.84 11.65
CA VAL A 37 -2.47 -14.72 12.61
C VAL A 37 -3.82 -14.79 13.34
N THR A 38 -3.77 -14.76 14.67
CA THR A 38 -4.99 -14.76 15.46
C THR A 38 -5.11 -13.48 16.28
N VAL A 39 -6.22 -12.77 16.12
CA VAL A 39 -6.49 -11.58 16.89
C VAL A 39 -7.47 -11.90 18.01
N LEU A 40 -7.01 -11.74 19.25
CA LEU A 40 -7.83 -12.02 20.41
C LEU A 40 -8.15 -10.70 21.13
N ASP A 41 -9.40 -10.48 21.47
CA ASP A 41 -9.73 -9.31 22.25
C ASP A 41 -11.01 -9.54 23.05
N ALA A 42 -11.13 -8.83 24.17
CA ALA A 42 -12.32 -8.94 24.99
C ALA A 42 -13.54 -8.48 24.23
N TYR A 43 -13.36 -7.52 23.31
CA TYR A 43 -14.44 -7.02 22.48
C TYR A 43 -14.03 -7.04 21.01
N PRO A 44 -15.01 -7.26 20.11
CA PRO A 44 -14.81 -7.16 18.67
C PRO A 44 -14.08 -5.89 18.23
N ILE A 45 -13.09 -6.05 17.36
CA ILE A 45 -12.41 -4.92 16.73
C ILE A 45 -13.40 -4.08 15.95
N PRO A 46 -13.31 -2.73 16.09
CA PRO A 46 -12.57 -2.01 17.12
C PRO A 46 -13.20 -2.21 18.49
N SER A 47 -12.37 -2.59 19.46
CA SER A 47 -12.87 -2.99 20.77
C SER A 47 -13.59 -1.81 21.43
N SER A 48 -14.77 -2.11 21.97
CA SER A 48 -15.54 -1.16 22.76
C SER A 48 -14.70 -0.37 23.77
N GLN A 49 -13.76 -1.03 24.44
CA GLN A 49 -13.03 -0.38 25.51
C GLN A 49 -11.63 0.07 25.09
N SER A 50 -11.33 -0.01 23.80
CA SER A 50 -10.03 0.45 23.31
C SER A 50 -9.94 1.97 23.42
N ALA A 51 -8.84 2.47 23.95
CA ALA A 51 -8.64 3.91 24.07
C ALA A 51 -8.62 4.57 22.68
N GLY A 52 -8.37 3.76 21.65
CA GLY A 52 -8.35 4.26 20.27
C GLY A 52 -9.70 4.28 19.59
N ASN A 53 -10.73 3.74 20.25
CA ASN A 53 -12.04 3.61 19.63
C ASN A 53 -13.00 4.71 20.08
N ASP A 54 -12.90 5.88 19.46
CA ASP A 54 -13.99 6.85 19.47
C ASP A 54 -14.01 7.65 18.17
N LEU A 55 -15.09 8.40 17.98
CA LEU A 55 -15.44 8.89 16.65
C LEU A 55 -14.31 9.75 16.09
N ALA A 56 -13.63 10.47 16.99
CA ALA A 56 -12.60 11.41 16.58
C ALA A 56 -11.55 11.59 17.68
N LYS A 57 -10.29 11.56 17.29
CA LYS A 57 -9.18 11.94 18.18
C LYS A 57 -8.23 12.88 17.47
N ILE A 58 -7.39 13.57 18.23
CA ILE A 58 -6.42 14.47 17.65
C ILE A 58 -5.07 13.76 17.55
N MET A 59 -4.22 14.22 16.65
CA MET A 59 -2.87 13.69 16.56
C MET A 59 -2.19 14.01 17.88
N GLY A 60 -2.29 15.28 18.29
CA GLY A 60 -1.71 15.71 19.56
C GLY A 60 -0.28 16.24 19.41
N VAL A 61 0.19 16.90 20.47
CA VAL A 61 1.57 17.41 20.51
C VAL A 61 2.56 16.26 20.58
N SER A 62 3.57 16.29 19.71
CA SER A 62 4.68 15.34 19.78
C SER A 62 5.39 15.47 21.12
N LEU A 63 5.99 14.37 21.58
CA LEU A 63 7.04 14.44 22.57
C LEU A 63 8.38 14.75 21.89
N ARG A 64 9.29 15.35 22.64
CA ARG A 64 10.35 16.17 22.06
C ARG A 64 11.67 15.41 22.08
N ASN A 65 11.60 14.08 22.21
CA ASN A 65 12.81 13.25 22.24
C ASN A 65 12.88 12.30 21.04
N PRO A 66 14.09 11.88 20.66
CA PRO A 66 14.41 11.59 19.26
C PRO A 66 13.72 10.32 18.76
N VAL A 67 13.42 9.41 19.67
CA VAL A 67 12.69 8.21 19.31
C VAL A 67 11.24 8.55 19.02
N ASP A 68 10.60 9.30 19.90
CA ASP A 68 9.25 9.80 19.65
C ASP A 68 9.19 10.65 18.39
N LEU A 69 10.23 11.43 18.15
CA LEU A 69 10.37 12.18 16.90
C LEU A 69 10.20 11.25 15.71
N GLN A 70 10.97 10.17 15.72
CA GLN A 70 11.10 9.30 14.56
C GLN A 70 9.83 8.50 14.34
N LEU A 71 9.19 8.12 15.44
CA LEU A 71 7.92 7.40 15.37
C LEU A 71 6.82 8.31 14.84
N ALA A 72 6.79 9.55 15.30
CA ALA A 72 5.73 10.46 14.92
C ALA A 72 5.86 10.85 13.46
N LEU A 73 7.10 10.93 12.99
CA LEU A 73 7.37 11.19 11.57
C LEU A 73 6.95 10.02 10.68
N GLU A 74 7.29 8.80 11.10
CA GLU A 74 6.80 7.60 10.45
C GLU A 74 5.28 7.63 10.34
N ALA A 75 4.62 7.88 11.46
CA ALA A 75 3.17 7.98 11.51
C ALA A 75 2.63 9.02 10.54
N ARG A 76 3.16 10.24 10.62
CA ARG A 76 2.74 11.34 9.74
C ARG A 76 2.81 10.97 8.25
N GLN A 77 3.89 10.32 7.84
CA GLN A 77 4.03 9.87 6.47
C GLN A 77 2.85 9.01 6.07
N MET A 78 2.41 8.14 6.98
CA MET A 78 1.45 7.11 6.66
C MET A 78 0.04 7.68 6.69
N TRP A 79 -0.21 8.57 7.65
CA TRP A 79 -1.50 9.27 7.70
C TRP A 79 -1.70 10.15 6.46
N ASN A 80 -0.61 10.53 5.80
CA ASN A 80 -0.69 11.38 4.62
C ASN A 80 -0.76 10.54 3.33
N GLU A 81 -0.11 9.38 3.35
CA GLU A 81 0.25 8.71 2.10
C GLU A 81 -0.21 7.25 2.01
N ASP A 82 -0.56 6.64 3.14
CA ASP A 82 -0.95 5.23 3.11
C ASP A 82 -2.43 5.12 2.74
N GLU A 83 -2.71 4.34 1.70
CA GLU A 83 -4.05 4.30 1.13
C GLU A 83 -5.11 3.87 2.15
N LEU A 84 -4.73 3.03 3.11
CA LEU A 84 -5.69 2.61 4.15
C LEU A 84 -6.05 3.76 5.10
N PHE A 85 -5.06 4.58 5.46
CA PHE A 85 -5.19 5.49 6.59
C PHE A 85 -5.50 6.92 6.13
N LYS A 86 -4.99 7.28 4.96
CA LYS A 86 -5.10 8.65 4.43
C LYS A 86 -6.43 9.30 4.73
N LYS A 87 -7.51 8.58 4.42
CA LYS A 87 -8.80 9.22 4.30
C LYS A 87 -9.37 9.59 5.65
N PHE A 88 -8.70 9.16 6.72
CA PHE A 88 -9.22 9.35 8.06
C PHE A 88 -8.50 10.45 8.80
N PHE A 89 -7.51 11.04 8.15
CA PHE A 89 -6.72 12.11 8.73
C PHE A 89 -7.19 13.45 8.18
N HIS A 90 -7.59 14.33 9.10
CA HIS A 90 -8.09 15.65 8.74
C HIS A 90 -7.06 16.69 9.15
N ASN A 91 -6.34 17.19 8.15
CA ASN A 91 -5.15 17.97 8.36
C ASN A 91 -5.52 19.44 8.57
N THR A 92 -6.11 19.74 9.72
CA THR A 92 -6.64 21.06 9.99
C THR A 92 -5.56 21.99 10.55
N GLY A 93 -4.39 21.44 10.89
CA GLY A 93 -3.40 22.15 11.67
C GLY A 93 -3.72 22.12 13.16
N ARG A 94 -2.76 22.51 13.98
CA ARG A 94 -2.96 22.58 15.41
C ARG A 94 -2.37 23.87 15.96
N LEU A 95 -3.09 24.51 16.88
CA LEU A 95 -2.50 25.48 17.80
C LEU A 95 -2.20 24.89 19.17
N ASP A 96 -0.91 24.81 19.49
CA ASP A 96 -0.45 24.55 20.85
C ASP A 96 -0.23 25.89 21.56
N CYS A 97 -1.11 26.23 22.50
CA CYS A 97 -1.10 27.55 23.12
C CYS A 97 -0.59 27.48 24.55
N ALA A 98 -0.09 28.60 25.07
CA ALA A 98 0.27 28.68 26.48
C ALA A 98 0.02 30.07 27.06
N HIS A 99 -0.12 30.11 28.38
CA HIS A 99 -0.26 31.36 29.12
C HIS A 99 0.47 31.27 30.46
N GLY A 100 1.04 32.38 30.91
CA GLY A 100 1.91 32.36 32.08
C GLY A 100 3.36 32.32 31.69
N GLU A 101 4.19 32.99 32.46
CA GLU A 101 5.58 33.21 32.07
C GLU A 101 6.34 31.89 31.97
N LYS A 102 6.18 31.02 32.96
CA LYS A 102 6.82 29.71 32.92
C LYS A 102 6.30 28.89 31.75
N ASP A 103 4.98 28.74 31.63
CA ASP A 103 4.41 27.92 30.55
C ASP A 103 4.86 28.42 29.16
N ILE A 104 4.88 29.74 28.96
CA ILE A 104 5.23 30.29 27.65
C ILE A 104 6.72 30.05 27.35
N ALA A 105 7.56 30.16 28.38
CA ALA A 105 8.99 29.87 28.23
C ALA A 105 9.24 28.42 27.82
N ASP A 106 8.48 27.50 28.41
CA ASP A 106 8.61 26.09 28.08
C ASP A 106 8.07 25.82 26.67
N LEU A 107 6.98 26.49 26.30
CA LEU A 107 6.46 26.40 24.93
C LEU A 107 7.52 26.87 23.93
N LYS A 108 8.20 27.96 24.26
CA LYS A 108 9.17 28.54 23.34
C LYS A 108 10.37 27.64 23.14
N SER A 109 10.89 27.05 24.21
CA SER A 109 12.00 26.12 24.10
C SER A 109 11.58 24.81 23.42
N GLY A 110 10.32 24.43 23.60
CA GLY A 110 9.75 23.32 22.83
C GLY A 110 9.73 23.64 21.34
N TYR A 111 9.32 24.86 21.02
CA TYR A 111 9.37 25.35 19.65
C TYR A 111 10.79 25.29 19.09
N GLN A 112 11.77 25.69 19.89
CA GLN A 112 13.16 25.68 19.44
C GLN A 112 13.64 24.25 19.19
N ALA A 113 13.20 23.31 20.04
CA ALA A 113 13.54 21.91 19.87
C ALA A 113 13.03 21.38 18.53
N LEU A 114 11.82 21.79 18.17
CA LEU A 114 11.24 21.41 16.89
C LEU A 114 12.03 22.00 15.73
N VAL A 115 12.34 23.28 15.79
CA VAL A 115 13.21 23.89 14.79
C VAL A 115 14.51 23.11 14.68
N ASP A 116 15.11 22.77 15.83
CA ASP A 116 16.43 22.14 15.85
C ASP A 116 16.37 20.70 15.35
N ALA A 117 15.19 20.10 15.42
CA ALA A 117 15.00 18.75 14.87
C ALA A 117 14.63 18.81 13.38
N GLY A 118 14.51 20.02 12.85
CA GLY A 118 14.34 20.22 11.42
C GLY A 118 12.89 20.26 10.99
N LEU A 119 12.02 20.72 11.88
CA LEU A 119 10.60 20.82 11.59
C LEU A 119 10.19 22.29 11.47
N ASP A 120 11.16 23.13 11.15
CA ASP A 120 10.95 24.57 11.10
C ASP A 120 9.93 24.92 10.03
N ALA A 121 9.90 24.13 8.96
CA ALA A 121 9.03 24.41 7.81
C ALA A 121 7.55 24.32 8.18
N THR A 122 7.22 23.46 9.15
CA THR A 122 5.83 23.17 9.42
C THR A 122 5.38 23.66 10.80
N ASN A 123 6.21 24.50 11.43
CA ASN A 123 5.90 25.08 12.73
C ASN A 123 6.23 26.57 12.76
N GLU A 124 5.28 27.38 13.23
CA GLU A 124 5.51 28.81 13.39
C GLU A 124 5.14 29.29 14.78
N TRP A 125 5.90 30.27 15.27
CA TRP A 125 5.68 30.84 16.59
C TRP A 125 4.72 32.02 16.48
N LEU A 126 3.69 32.03 17.31
CA LEU A 126 2.75 33.13 17.33
C LEU A 126 2.87 33.84 18.66
N ASP A 127 3.24 35.11 18.64
CA ASP A 127 3.61 35.80 19.86
C ASP A 127 2.61 36.88 20.26
N SER A 128 1.37 36.78 19.76
CA SER A 128 0.31 37.69 20.17
C SER A 128 -1.07 37.09 19.96
N GLU A 129 -2.06 37.62 20.68
CA GLU A 129 -3.47 37.32 20.42
C GLU A 129 -3.83 37.46 18.95
N ASP A 130 -3.32 38.53 18.32
CA ASP A 130 -3.67 38.85 16.94
C ASP A 130 -3.24 37.75 15.98
N GLU A 131 -2.05 37.20 16.23
CA GLU A 131 -1.48 36.21 15.34
C GLU A 131 -2.19 34.86 15.54
N ILE A 132 -2.76 34.67 16.72
CA ILE A 132 -3.51 33.45 17.03
C ILE A 132 -4.90 33.51 16.42
N LEU A 133 -5.53 34.68 16.55
CA LEU A 133 -6.88 34.87 16.03
C LEU A 133 -6.86 34.85 14.51
N LYS A 134 -5.71 35.16 13.93
CA LYS A 134 -5.54 35.06 12.49
C LYS A 134 -5.69 33.60 12.04
N ARG A 135 -5.15 32.67 12.83
CA ARG A 135 -5.19 31.26 12.48
C ARG A 135 -6.50 30.64 12.91
N MET A 136 -7.12 31.20 13.95
CA MET A 136 -8.50 30.88 14.30
C MET A 136 -9.21 32.05 14.93
N PRO A 137 -10.00 32.78 14.13
CA PRO A 137 -10.75 33.97 14.54
C PRO A 137 -11.86 33.67 15.54
N LEU A 138 -12.29 32.41 15.60
CA LEU A 138 -13.44 32.04 16.41
C LEU A 138 -13.08 31.94 17.90
N LEU A 139 -11.78 31.96 18.20
CA LEU A 139 -11.33 32.09 19.57
C LEU A 139 -11.67 33.49 20.09
N SER A 140 -11.70 33.64 21.40
CA SER A 140 -12.19 34.86 22.03
C SER A 140 -11.04 35.71 22.56
N ARG A 141 -10.95 36.95 22.07
CA ARG A 141 -9.85 37.84 22.42
C ARG A 141 -9.73 38.01 23.93
N ASP A 142 -10.87 38.15 24.60
CA ASP A 142 -10.91 38.30 26.05
C ASP A 142 -10.26 37.09 26.73
N GLN A 143 -10.51 35.90 26.18
CA GLN A 143 -10.18 34.66 26.86
C GLN A 143 -8.72 34.32 26.67
N ILE A 144 -8.17 34.69 25.51
CA ILE A 144 -6.80 34.32 25.18
C ILE A 144 -5.84 35.50 25.33
N LYS A 145 -6.21 36.45 26.19
CA LYS A 145 -5.34 37.56 26.52
C LYS A 145 -3.98 37.07 27.00
N GLY A 146 -2.94 37.44 26.27
CA GLY A 146 -1.57 37.18 26.69
C GLY A 146 -1.13 35.77 26.34
N TRP A 147 -1.93 35.08 25.54
CA TRP A 147 -1.54 33.77 25.02
C TRP A 147 -0.50 33.92 23.93
N LYS A 148 0.43 32.96 23.89
CA LYS A 148 1.22 32.70 22.69
C LYS A 148 1.02 31.25 22.27
N ALA A 149 1.44 30.91 21.05
CA ALA A 149 1.16 29.60 20.49
C ALA A 149 2.22 29.14 19.49
N ILE A 150 2.36 27.83 19.38
CA ILE A 150 2.90 27.22 18.16
C ILE A 150 1.75 26.77 17.27
N PHE A 151 1.75 27.23 16.02
CA PHE A 151 0.89 26.64 14.98
C PHE A 151 1.65 25.58 14.17
N SER A 152 1.10 24.36 14.15
CA SER A 152 1.68 23.28 13.36
C SER A 152 0.80 22.96 12.17
N LYS A 153 1.36 23.16 10.98
CA LYS A 153 0.65 22.89 9.74
C LYS A 153 0.35 21.40 9.59
N ASP A 154 1.16 20.55 10.22
CA ASP A 154 1.02 19.10 10.05
C ASP A 154 0.00 18.49 11.02
N GLY A 155 -0.49 19.28 11.97
CA GLY A 155 -1.42 18.80 12.97
C GLY A 155 -2.79 18.51 12.39
N GLY A 156 -3.65 17.88 13.17
CA GLY A 156 -5.04 17.70 12.77
C GLY A 156 -5.74 16.68 13.64
N TRP A 157 -6.87 16.16 13.16
CA TRP A 157 -7.57 15.12 13.88
C TRP A 157 -7.78 13.88 13.03
N LEU A 158 -8.30 12.84 13.68
CA LEU A 158 -8.25 11.48 13.18
C LEU A 158 -9.61 10.83 13.41
N ALA A 159 -10.21 10.30 12.36
CA ALA A 159 -11.42 9.52 12.53
C ALA A 159 -11.02 8.14 13.06
N ALA A 160 -10.78 8.08 14.36
CA ALA A 160 -10.04 6.98 14.99
C ALA A 160 -10.78 5.65 14.87
N ALA A 161 -12.05 5.64 15.26
CA ALA A 161 -12.86 4.41 15.18
C ALA A 161 -12.91 3.90 13.75
N LYS A 162 -13.06 4.83 12.81
CA LYS A 162 -13.14 4.49 11.39
C LYS A 162 -11.84 3.86 10.91
N ALA A 163 -10.72 4.38 11.40
CA ALA A 163 -9.41 3.84 11.05
C ALA A 163 -9.21 2.42 11.58
N ILE A 164 -9.51 2.20 12.86
CA ILE A 164 -9.34 0.86 13.41
C ILE A 164 -10.28 -0.11 12.73
N ASN A 165 -11.48 0.35 12.37
CA ASN A 165 -12.44 -0.50 11.71
C ASN A 165 -12.00 -0.90 10.29
N ALA A 166 -11.44 0.06 9.56
CA ALA A 166 -10.80 -0.23 8.27
C ALA A 166 -9.69 -1.29 8.37
N VAL A 167 -8.83 -1.16 9.37
CA VAL A 167 -7.87 -2.20 9.69
C VAL A 167 -8.56 -3.55 9.95
N GLY A 168 -9.59 -3.54 10.79
CA GLY A 168 -10.31 -4.77 11.10
C GLY A 168 -10.94 -5.43 9.88
N GLU A 169 -11.48 -4.60 8.99
CA GLU A 169 -12.06 -5.10 7.76
C GLU A 169 -10.99 -5.73 6.86
N TYR A 170 -9.81 -5.11 6.82
CA TYR A 170 -8.71 -5.62 6.04
C TYR A 170 -8.22 -6.97 6.59
N LEU A 171 -8.04 -7.03 7.91
CA LEU A 171 -7.67 -8.27 8.58
C LEU A 171 -8.69 -9.36 8.26
N ARG A 172 -9.97 -9.00 8.34
CA ARG A 172 -11.05 -9.94 8.11
C ARG A 172 -10.95 -10.50 6.70
N ASP A 173 -10.97 -9.59 5.72
CA ASP A 173 -10.93 -9.98 4.32
C ASP A 173 -9.75 -10.89 3.99
N GLN A 174 -8.62 -10.67 4.65
CA GLN A 174 -7.40 -11.39 4.33
C GLN A 174 -7.39 -12.78 4.94
N GLY A 175 -8.19 -12.99 5.97
CA GLY A 175 -8.38 -14.32 6.53
C GLY A 175 -7.73 -14.48 7.89
N VAL A 176 -7.52 -13.37 8.58
CA VAL A 176 -7.10 -13.42 9.98
C VAL A 176 -8.15 -14.12 10.85
N ARG A 177 -7.71 -14.90 11.83
CA ARG A 177 -8.62 -15.54 12.77
C ARG A 177 -8.91 -14.61 13.97
N PHE A 178 -10.18 -14.51 14.34
CA PHE A 178 -10.62 -13.66 15.46
C PHE A 178 -11.18 -14.54 16.59
N GLY A 179 -10.90 -14.18 17.83
CA GLY A 179 -11.73 -14.62 18.95
C GLY A 179 -12.06 -13.45 19.88
N PHE A 180 -13.35 -13.31 20.21
CA PHE A 180 -13.79 -12.19 21.04
C PHE A 180 -14.56 -12.66 22.26
N TYR A 181 -14.71 -11.78 23.24
CA TYR A 181 -15.48 -12.06 24.44
C TYR A 181 -14.80 -13.14 25.27
N GLY A 182 -15.56 -14.10 25.79
CA GLY A 182 -14.99 -15.21 26.54
C GLY A 182 -13.88 -15.92 25.77
N ALA A 183 -14.04 -15.98 24.46
CA ALA A 183 -13.09 -16.65 23.59
C ALA A 183 -11.94 -15.73 23.17
N GLY A 184 -11.94 -14.51 23.69
CA GLY A 184 -10.92 -13.51 23.33
C GLY A 184 -10.21 -12.89 24.52
N SER A 185 -10.82 -12.97 25.70
CA SER A 185 -10.23 -12.39 26.90
C SER A 185 -9.12 -13.28 27.47
N PHE A 186 -7.88 -12.84 27.26
CA PHE A 186 -6.70 -13.45 27.86
C PHE A 186 -6.87 -13.69 29.36
N LYS A 187 -6.45 -14.87 29.79
CA LYS A 187 -6.40 -15.21 31.20
C LYS A 187 -4.98 -15.57 31.61
N ALA A 188 -4.32 -16.37 30.78
CA ALA A 188 -2.99 -16.88 31.11
C ALA A 188 -2.26 -17.30 29.84
N PRO A 189 -0.93 -17.12 29.81
CA PRO A 189 -0.16 -17.78 28.77
C PRO A 189 -0.17 -19.29 28.99
N LEU A 190 -0.12 -20.04 27.89
CA LEU A 190 0.20 -21.46 27.98
C LEU A 190 1.72 -21.61 27.95
N LEU A 191 2.25 -22.34 28.93
CA LEU A 191 3.70 -22.49 29.06
C LEU A 191 4.09 -23.96 29.05
N ALA A 192 5.08 -24.28 28.22
CA ALA A 192 5.79 -25.55 28.31
C ALA A 192 7.22 -25.31 28.78
N GLU A 193 7.55 -25.81 29.97
CA GLU A 193 8.84 -25.58 30.60
C GLU A 193 9.43 -24.22 30.22
N GLY A 194 8.75 -23.15 30.65
CA GLY A 194 9.35 -21.82 30.66
C GLY A 194 9.21 -21.09 29.34
N VAL A 195 8.71 -21.79 28.33
CA VAL A 195 8.50 -21.21 27.01
C VAL A 195 7.01 -21.03 26.75
N CYS A 196 6.63 -19.87 26.22
CA CYS A 196 5.23 -19.63 25.86
C CYS A 196 4.90 -20.31 24.53
N ILE A 197 3.77 -21.03 24.50
CA ILE A 197 3.34 -21.75 23.31
C ILE A 197 1.93 -21.36 22.90
N GLY A 198 1.31 -20.46 23.66
CA GLY A 198 -0.05 -20.04 23.36
C GLY A 198 -0.67 -19.20 24.46
N VAL A 199 -1.99 -19.09 24.43
CA VAL A 199 -2.72 -18.46 25.52
C VAL A 199 -4.03 -19.19 25.77
N GLU A 200 -4.49 -19.19 27.02
CA GLU A 200 -5.86 -19.59 27.33
C GLU A 200 -6.71 -18.38 27.66
N THR A 201 -7.92 -18.34 27.10
CA THR A 201 -8.84 -17.26 27.40
C THR A 201 -9.75 -17.62 28.56
N VAL A 202 -10.58 -16.66 28.96
CA VAL A 202 -11.41 -16.79 30.16
C VAL A 202 -12.33 -18.00 30.10
N ASP A 203 -12.90 -18.28 28.93
CA ASP A 203 -13.87 -19.36 28.78
C ASP A 203 -13.19 -20.69 28.53
N GLY A 204 -11.87 -20.71 28.65
CA GLY A 204 -11.09 -21.93 28.64
C GLY A 204 -10.66 -22.36 27.25
N THR A 205 -11.03 -21.59 26.23
CA THR A 205 -10.51 -21.81 24.88
C THR A 205 -8.98 -21.67 24.85
N ARG A 206 -8.30 -22.60 24.20
CA ARG A 206 -6.83 -22.56 24.08
C ARG A 206 -6.39 -22.25 22.65
N TYR A 207 -5.42 -21.34 22.51
CA TYR A 207 -4.82 -21.04 21.22
C TYR A 207 -3.30 -21.25 21.28
N TYR A 208 -2.74 -21.81 20.21
CA TYR A 208 -1.32 -22.15 20.17
C TYR A 208 -0.62 -21.46 18.99
N ALA A 209 0.61 -21.01 19.22
CA ALA A 209 1.36 -20.26 18.22
C ALA A 209 2.84 -20.18 18.59
N ASP A 210 3.67 -19.76 17.62
CA ASP A 210 5.12 -19.57 17.80
C ASP A 210 5.45 -18.29 18.57
N LYS A 211 4.56 -17.31 18.50
CA LYS A 211 4.75 -16.03 19.21
C LYS A 211 3.43 -15.58 19.80
N VAL A 212 3.51 -14.96 20.98
CA VAL A 212 2.35 -14.27 21.56
C VAL A 212 2.70 -12.81 21.79
N VAL A 213 1.80 -11.92 21.40
CA VAL A 213 1.97 -10.49 21.66
C VAL A 213 0.87 -9.98 22.59
N LEU A 214 1.28 -9.38 23.70
CA LEU A 214 0.36 -8.77 24.65
C LEU A 214 0.24 -7.27 24.40
N ALA A 215 -0.76 -6.90 23.61
CA ALA A 215 -1.02 -5.50 23.26
C ALA A 215 -2.31 -5.10 23.93
N ALA A 216 -2.36 -5.20 25.25
CA ALA A 216 -3.61 -5.11 25.99
C ALA A 216 -3.81 -3.75 26.67
N GLY A 217 -3.05 -2.74 26.24
CA GLY A 217 -3.26 -1.37 26.73
C GLY A 217 -3.20 -1.28 28.24
N ALA A 218 -4.13 -0.49 28.80
CA ALA A 218 -4.24 -0.28 30.25
C ALA A 218 -4.41 -1.57 31.06
N TRP A 219 -4.81 -2.63 30.38
CA TRP A 219 -5.08 -3.90 31.06
C TRP A 219 -3.83 -4.75 31.20
N SER A 220 -2.76 -4.36 30.49
CA SER A 220 -1.55 -5.18 30.42
C SER A 220 -0.98 -5.48 31.81
N PRO A 221 -0.82 -4.46 32.65
CA PRO A 221 -0.26 -4.75 33.97
C PRO A 221 -1.21 -5.51 34.89
N THR A 222 -2.50 -5.54 34.57
CA THR A 222 -3.44 -6.37 35.30
C THR A 222 -3.42 -7.85 34.87
N LEU A 223 -2.88 -8.12 33.68
CA LEU A 223 -2.99 -9.47 33.11
C LEU A 223 -1.73 -10.31 33.36
N VAL A 224 -0.57 -9.66 33.29
CA VAL A 224 0.69 -10.30 33.61
C VAL A 224 1.52 -9.38 34.48
N GLU A 225 2.45 -9.95 35.23
CA GLU A 225 3.20 -9.19 36.22
C GLU A 225 4.24 -8.29 35.55
N LEU A 226 4.14 -6.99 35.79
CA LEU A 226 5.02 -6.02 35.13
C LEU A 226 5.83 -5.18 36.14
N HIS A 227 5.76 -5.54 37.41
CA HIS A 227 6.52 -4.86 38.46
C HIS A 227 6.43 -3.36 38.30
N GLU A 228 5.22 -2.86 38.07
CA GLU A 228 4.94 -1.43 38.17
C GLU A 228 5.66 -0.62 37.11
N GLN A 229 6.09 -1.28 36.04
CA GLN A 229 6.64 -0.57 34.89
C GLN A 229 5.56 0.23 34.20
N CYS A 230 4.32 -0.27 34.28
CA CYS A 230 3.16 0.40 33.72
C CYS A 230 2.15 0.64 34.82
N VAL A 231 1.71 1.89 34.97
CA VAL A 231 0.61 2.23 35.86
C VAL A 231 -0.53 2.84 35.05
N SER A 232 -1.70 2.24 35.15
CA SER A 232 -2.80 2.58 34.27
C SER A 232 -3.65 3.69 34.88
N LYS A 233 -4.07 4.62 34.02
CA LYS A 233 -4.72 5.85 34.45
C LYS A 233 -5.81 6.21 33.46
N ALA A 234 -6.87 6.87 33.95
CA ALA A 234 -7.96 7.32 33.10
C ALA A 234 -7.82 8.80 32.75
N TRP A 235 -8.16 9.14 31.51
CA TRP A 235 -8.47 10.51 31.16
C TRP A 235 -9.94 10.63 30.74
N VAL A 236 -10.37 11.84 30.42
CA VAL A 236 -11.79 12.14 30.38
C VAL A 236 -12.12 12.94 29.13
N TYR A 237 -13.36 12.82 28.64
CA TYR A 237 -13.85 13.71 27.60
C TYR A 237 -15.36 13.95 27.77
N GLY A 238 -15.84 15.01 27.13
CA GLY A 238 -17.28 15.20 26.94
C GLY A 238 -17.56 15.75 25.56
N HIS A 239 -18.84 15.93 25.24
CA HIS A 239 -19.21 16.39 23.92
C HIS A 239 -20.23 17.51 24.03
N ILE A 240 -20.19 18.44 23.08
CA ILE A 240 -21.27 19.41 22.95
C ILE A 240 -21.81 19.41 21.52
N GLN A 241 -23.10 19.73 21.39
CA GLN A 241 -23.77 19.73 20.09
C GLN A 241 -23.82 21.15 19.55
N LEU A 242 -23.28 21.36 18.34
CA LEU A 242 -23.47 22.61 17.64
C LEU A 242 -24.65 22.51 16.66
N THR A 243 -25.37 23.62 16.49
CA THR A 243 -26.35 23.72 15.41
C THR A 243 -25.65 23.66 14.06
N PRO A 244 -26.38 23.25 13.01
CA PRO A 244 -25.80 23.23 11.68
C PRO A 244 -25.12 24.53 11.29
N GLU A 245 -25.65 25.66 11.75
CA GLU A 245 -25.07 26.97 11.42
C GLU A 245 -23.74 27.17 12.16
N GLU A 246 -23.73 26.87 13.46
CA GLU A 246 -22.51 26.94 14.26
C GLU A 246 -21.45 25.97 13.75
N ALA A 247 -21.87 24.73 13.48
CA ALA A 247 -20.95 23.70 13.01
C ALA A 247 -20.26 24.15 11.74
N ALA A 248 -21.00 24.81 10.85
CA ALA A 248 -20.46 25.22 9.56
C ALA A 248 -19.45 26.33 9.74
N ARG A 249 -19.69 27.18 10.73
CA ARG A 249 -18.74 28.22 11.12
C ARG A 249 -17.42 27.60 11.60
N TYR A 250 -17.51 26.51 12.36
CA TYR A 250 -16.33 25.92 13.00
C TYR A 250 -15.60 24.93 12.08
N LYS A 251 -16.22 24.59 10.96
CA LYS A 251 -15.62 23.66 10.00
C LYS A 251 -14.22 24.10 9.58
N ASN A 252 -13.30 23.15 9.53
CA ASN A 252 -11.92 23.40 9.08
C ASN A 252 -11.08 24.15 10.12
N SER A 253 -11.63 24.30 11.32
CA SER A 253 -10.89 24.88 12.44
C SER A 253 -9.73 23.97 12.83
N PRO A 254 -8.59 24.56 13.21
CA PRO A 254 -7.49 23.78 13.74
C PRO A 254 -7.81 23.15 15.08
N VAL A 255 -7.07 22.11 15.46
CA VAL A 255 -7.06 21.68 16.84
C VAL A 255 -6.51 22.80 17.69
N VAL A 256 -7.15 23.05 18.83
CA VAL A 256 -6.64 23.99 19.82
C VAL A 256 -6.33 23.25 21.11
N TYR A 257 -5.08 23.38 21.55
CA TYR A 257 -4.59 22.72 22.75
C TYR A 257 -3.96 23.77 23.67
N ASN A 258 -4.24 23.68 24.96
CA ASN A 258 -3.50 24.44 25.97
C ASN A 258 -3.34 23.52 27.18
N GLY A 259 -2.10 23.38 27.63
CA GLY A 259 -1.75 22.37 28.63
C GLY A 259 -2.38 22.63 29.99
N ASP A 260 -2.81 23.87 30.21
CA ASP A 260 -3.45 24.26 31.46
C ASP A 260 -4.96 24.23 31.35
N VAL A 261 -5.48 23.91 30.17
CA VAL A 261 -6.92 24.03 29.92
C VAL A 261 -7.50 22.75 29.36
N GLY A 262 -6.89 22.26 28.28
CA GLY A 262 -7.41 21.11 27.59
C GLY A 262 -7.26 21.28 26.11
N PHE A 263 -8.15 20.64 25.35
CA PHE A 263 -8.20 20.85 23.93
C PHE A 263 -9.58 20.59 23.37
N PHE A 264 -9.81 21.06 22.15
CA PHE A 264 -11.00 20.73 21.40
C PHE A 264 -10.63 20.85 19.93
N PHE A 265 -11.55 20.48 19.05
CA PHE A 265 -11.29 20.62 17.62
C PHE A 265 -12.59 20.65 16.83
N GLU A 266 -12.48 20.66 15.51
CA GLU A 266 -13.62 20.95 14.66
C GLU A 266 -14.71 19.91 14.88
N PRO A 267 -15.97 20.30 14.64
CA PRO A 267 -17.07 19.36 14.83
C PRO A 267 -17.01 18.23 13.81
N ASN A 268 -17.61 17.09 14.14
CA ASN A 268 -17.62 15.96 13.22
C ASN A 268 -18.84 16.05 12.30
N GLU A 269 -19.07 15.00 11.53
CA GLU A 269 -20.14 14.99 10.53
C GLU A 269 -21.50 15.32 11.15
N HIS A 270 -21.64 15.07 12.45
CA HIS A 270 -22.91 15.29 13.15
C HIS A 270 -22.91 16.60 13.94
N GLY A 271 -21.91 17.44 13.70
CA GLY A 271 -21.85 18.75 14.33
C GLY A 271 -21.53 18.68 15.81
N VAL A 272 -20.86 17.60 16.23
CA VAL A 272 -20.48 17.42 17.63
C VAL A 272 -19.03 17.81 17.84
N ILE A 273 -18.77 18.63 18.85
CA ILE A 273 -17.40 18.92 19.26
C ILE A 273 -17.03 18.14 20.51
N LYS A 274 -15.86 17.51 20.45
CA LYS A 274 -15.29 16.81 21.60
C LYS A 274 -14.36 17.75 22.36
N VAL A 275 -14.51 17.77 23.68
CA VAL A 275 -13.67 18.57 24.55
C VAL A 275 -13.01 17.68 25.61
N CYS A 276 -11.71 17.89 25.79
CA CYS A 276 -10.96 17.25 26.86
C CYS A 276 -10.32 18.31 27.74
N ASP A 277 -10.04 17.97 28.98
CA ASP A 277 -9.13 18.78 29.78
C ASP A 277 -7.72 18.22 29.73
N GLU A 278 -6.82 18.82 30.49
CA GLU A 278 -5.48 18.27 30.67
C GLU A 278 -5.25 18.09 32.16
N PHE A 279 -4.83 16.88 32.55
CA PHE A 279 -4.54 16.59 33.94
C PHE A 279 -3.73 15.29 34.03
N PRO A 280 -3.26 14.93 35.23
CA PRO A 280 -2.34 13.79 35.37
C PRO A 280 -2.97 12.40 35.30
N GLY A 281 -4.28 12.32 35.03
CA GLY A 281 -4.96 11.03 34.96
C GLY A 281 -5.46 10.55 36.31
N PHE A 282 -6.37 9.58 36.30
CA PHE A 282 -6.86 8.99 37.55
C PHE A 282 -6.52 7.51 37.57
N THR A 283 -6.02 7.03 38.70
CA THR A 283 -5.89 5.59 38.92
C THR A 283 -7.20 5.01 39.46
N ARG A 284 -7.26 3.69 39.51
CA ARG A 284 -8.29 3.03 40.29
C ARG A 284 -7.74 1.79 40.99
N PHE A 285 -7.07 2.02 42.10
CA PHE A 285 -6.32 0.98 42.77
C PHE A 285 -7.26 -0.01 43.43
N LYS A 286 -7.00 -1.29 43.20
CA LYS A 286 -7.62 -2.34 44.00
C LYS A 286 -6.75 -3.60 43.97
N MET A 287 -7.18 -4.62 44.70
CA MET A 287 -6.43 -5.85 44.78
C MET A 287 -6.65 -6.65 43.49
N HIS A 288 -5.58 -7.15 42.92
CA HIS A 288 -5.66 -7.97 41.72
C HIS A 288 -4.38 -8.78 41.60
N GLN A 289 -4.50 -9.98 41.05
CA GLN A 289 -3.35 -10.85 40.84
C GLN A 289 -3.10 -11.07 39.35
N PRO A 290 -2.20 -10.28 38.76
CA PRO A 290 -1.74 -10.59 37.42
C PRO A 290 -1.26 -12.03 37.39
N PHE A 291 -1.01 -12.55 36.20
CA PHE A 291 -0.33 -13.83 36.08
C PHE A 291 1.18 -13.65 36.18
N GLY A 292 1.82 -14.46 37.01
CA GLY A 292 3.27 -14.43 37.15
C GLY A 292 3.73 -13.70 38.40
N ALA A 293 2.77 -13.25 39.21
CA ALA A 293 3.08 -12.73 40.54
C ALA A 293 2.56 -13.67 41.62
N LYS A 294 3.38 -13.90 42.64
CA LYS A 294 3.11 -14.94 43.65
C LYS A 294 1.74 -14.74 44.28
N ALA A 295 1.31 -13.48 44.34
CA ALA A 295 0.39 -13.02 45.37
C ALA A 295 -0.28 -11.72 44.90
N PRO A 296 -1.59 -11.58 45.14
CA PRO A 296 -2.32 -10.35 44.83
C PRO A 296 -1.62 -9.10 45.35
N LYS A 297 -1.78 -8.01 44.61
CA LYS A 297 -1.13 -6.75 44.92
C LYS A 297 -2.12 -5.61 44.68
N ARG A 298 -1.88 -4.49 45.34
CA ARG A 298 -2.62 -3.27 45.06
CA ARG A 298 -2.62 -3.27 45.06
C ARG A 298 -2.10 -2.65 43.78
N ILE A 299 -2.93 -2.66 42.74
CA ILE A 299 -2.54 -2.05 41.47
C ILE A 299 -3.74 -1.37 40.84
N SER A 300 -3.47 -0.53 39.87
CA SER A 300 -4.52 0.25 39.23
C SER A 300 -5.20 -0.56 38.15
N VAL A 301 -6.47 -0.88 38.38
CA VAL A 301 -7.23 -1.72 37.47
C VAL A 301 -8.28 -0.86 36.78
N PRO A 302 -8.21 -0.75 35.45
CA PRO A 302 -9.18 0.08 34.75
C PRO A 302 -10.61 -0.24 35.15
N ARG A 303 -11.37 0.82 35.42
CA ARG A 303 -12.83 0.76 35.46
C ARG A 303 -13.38 0.99 34.05
N SER A 304 -13.73 -0.08 33.37
CA SER A 304 -14.00 -0.01 31.93
C SER A 304 -15.40 0.52 31.66
N HIS A 305 -15.47 1.59 30.87
CA HIS A 305 -16.76 2.11 30.42
C HIS A 305 -17.54 1.11 29.56
N ALA A 306 -16.84 0.22 28.86
CA ALA A 306 -17.50 -0.85 28.09
C ALA A 306 -18.19 -1.85 29.01
N LYS A 307 -17.56 -2.15 30.13
CA LYS A 307 -18.13 -3.06 31.12
C LYS A 307 -19.21 -2.34 31.93
N HIS A 308 -19.07 -1.04 32.08
CA HIS A 308 -19.96 -0.25 32.93
C HIS A 308 -20.42 1.03 32.24
N PRO A 309 -21.30 0.90 31.24
CA PRO A 309 -21.56 2.02 30.34
C PRO A 309 -22.39 3.11 30.99
N THR A 310 -22.88 2.87 32.21
CA THR A 310 -23.55 3.94 32.96
C THR A 310 -22.54 4.86 33.66
N ASP A 311 -21.27 4.47 33.67
CA ASP A 311 -20.22 5.32 34.23
C ASP A 311 -20.15 6.62 33.43
N THR A 312 -19.88 7.73 34.11
CA THR A 312 -19.55 8.97 33.42
C THR A 312 -18.11 9.37 33.75
N ILE A 313 -17.93 10.55 34.33
CA ILE A 313 -16.63 11.04 34.74
C ILE A 313 -16.81 11.70 36.11
N PRO A 314 -15.72 11.84 36.86
CA PRO A 314 -15.79 12.55 38.14
C PRO A 314 -16.37 13.96 38.02
N ASP A 315 -17.02 14.41 39.08
CA ASP A 315 -17.58 15.76 39.11
C ASP A 315 -16.53 16.80 38.82
N ALA A 316 -15.32 16.57 39.32
CA ALA A 316 -14.24 17.52 39.14
C ALA A 316 -13.82 17.63 37.67
N SER A 317 -13.97 16.53 36.93
CA SER A 317 -13.65 16.52 35.50
C SER A 317 -14.73 17.26 34.70
N ASP A 318 -15.98 17.12 35.13
CA ASP A 318 -17.06 17.92 34.56
C ASP A 318 -16.73 19.41 34.73
N VAL A 319 -16.25 19.77 35.91
CA VAL A 319 -15.92 21.16 36.20
C VAL A 319 -14.78 21.65 35.31
N SER A 320 -13.71 20.86 35.21
CA SER A 320 -12.55 21.23 34.40
C SER A 320 -12.85 21.23 32.89
N ILE A 321 -13.65 20.28 32.41
CA ILE A 321 -14.04 20.32 30.99
C ILE A 321 -14.94 21.53 30.72
N ARG A 322 -15.84 21.82 31.65
CA ARG A 322 -16.69 23.00 31.54
C ARG A 322 -15.83 24.26 31.44
N ARG A 323 -14.79 24.34 32.27
CA ARG A 323 -13.88 25.48 32.26
C ARG A 323 -13.21 25.62 30.90
N ALA A 324 -12.85 24.50 30.30
CA ALA A 324 -12.25 24.48 28.96
C ALA A 324 -13.20 25.03 27.89
N ILE A 325 -14.46 24.64 27.97
CA ILE A 325 -15.48 25.19 27.07
C ILE A 325 -15.57 26.69 27.25
N ALA A 326 -15.59 27.13 28.49
CA ALA A 326 -15.83 28.53 28.83
C ALA A 326 -14.65 29.39 28.37
N THR A 327 -13.48 28.79 28.30
CA THR A 327 -12.28 29.45 27.81
C THR A 327 -12.20 29.44 26.28
N PHE A 328 -12.40 28.27 25.69
CA PHE A 328 -12.18 28.09 24.25
C PHE A 328 -13.37 28.64 23.49
N MET A 329 -14.57 28.40 24.03
CA MET A 329 -15.81 28.64 23.32
C MET A 329 -16.79 29.34 24.26
N PRO A 330 -16.44 30.54 24.71
CA PRO A 330 -17.21 31.18 25.76
C PRO A 330 -18.69 31.33 25.39
N GLN A 331 -18.98 31.43 24.10
CA GLN A 331 -20.35 31.68 23.65
C GLN A 331 -21.16 30.40 23.68
N PHE A 332 -20.49 29.27 23.92
CA PHE A 332 -21.15 27.97 24.06
C PHE A 332 -21.18 27.53 25.53
N LYS A 333 -20.86 28.44 26.44
CA LYS A 333 -20.51 28.05 27.81
C LYS A 333 -21.70 27.41 28.52
N ASN A 334 -22.89 27.57 27.93
CA ASN A 334 -24.11 27.04 28.53
C ASN A 334 -24.59 25.76 27.83
N LYS A 335 -23.88 25.33 26.79
CA LYS A 335 -24.28 24.14 26.06
C LYS A 335 -24.20 22.92 26.96
N LYS A 336 -25.13 21.99 26.76
CA LYS A 336 -25.16 20.79 27.58
C LYS A 336 -24.10 19.81 27.10
N MET A 337 -23.40 19.19 28.04
CA MET A 337 -22.41 18.19 27.70
C MET A 337 -23.04 16.80 27.75
N PHE A 338 -22.75 15.98 26.75
CA PHE A 338 -23.24 14.61 26.73
C PHE A 338 -22.10 13.64 26.40
N ASN A 339 -22.37 12.36 26.61
CA ASN A 339 -21.38 11.31 26.34
C ASN A 339 -20.03 11.65 26.95
N GLN A 340 -20.06 12.06 28.21
CA GLN A 340 -18.87 12.13 29.03
C GLN A 340 -18.47 10.71 29.45
N ALA A 341 -17.19 10.38 29.26
CA ALA A 341 -16.69 9.08 29.67
C ALA A 341 -15.18 9.09 29.90
N MET A 342 -14.69 8.01 30.47
CA MET A 342 -13.27 7.82 30.73
C MET A 342 -12.66 6.86 29.70
N CYS A 343 -11.43 7.12 29.29
CA CYS A 343 -10.65 6.16 28.54
C CYS A 343 -9.38 5.84 29.31
N TRP A 344 -8.88 4.62 29.14
CA TRP A 344 -7.78 4.13 29.96
C TRP A 344 -6.50 3.95 29.17
N CYS A 345 -5.40 4.47 29.73
CA CYS A 345 -4.08 4.31 29.15
C CYS A 345 -3.13 3.80 30.22
N THR A 346 -1.91 3.46 29.84
CA THR A 346 -0.94 3.02 30.83
C THR A 346 0.42 3.75 30.71
N ASP A 347 0.87 4.32 31.83
CA ASP A 347 2.06 5.17 31.87
C ASP A 347 3.28 4.36 32.28
N THR A 348 4.38 4.51 31.54
CA THR A 348 5.71 4.17 32.02
C THR A 348 6.34 5.37 32.73
N ALA A 349 7.36 5.10 33.52
CA ALA A 349 8.04 6.16 34.25
C ALA A 349 8.56 7.25 33.31
N ASP A 350 9.13 6.84 32.18
CA ASP A 350 9.72 7.79 31.24
C ASP A 350 8.82 8.10 30.04
N ALA A 351 7.61 7.53 30.04
CA ALA A 351 6.62 7.81 28.98
C ALA A 351 7.00 7.22 27.62
N ALA A 352 8.06 6.42 27.58
CA ALA A 352 8.35 5.63 26.39
C ALA A 352 7.64 4.29 26.46
N LEU A 353 7.47 3.66 25.30
CA LEU A 353 6.71 2.43 25.20
C LEU A 353 7.43 1.30 25.92
N LEU A 354 6.70 0.23 26.19
CA LEU A 354 7.27 -1.01 26.68
C LEU A 354 7.01 -2.09 25.63
N ILE A 355 8.02 -2.33 24.81
CA ILE A 355 7.92 -3.33 23.74
C ILE A 355 9.18 -4.21 23.76
N CYS A 356 9.03 -5.38 24.35
CA CYS A 356 10.16 -6.26 24.65
C CYS A 356 9.62 -7.66 24.92
N GLU A 357 10.47 -8.66 24.78
CA GLU A 357 10.14 -9.99 25.26
C GLU A 357 10.09 -10.00 26.78
N HIS A 358 9.12 -10.73 27.33
CA HIS A 358 9.04 -10.96 28.76
C HIS A 358 10.18 -11.87 29.20
N PRO A 359 10.96 -11.44 30.20
CA PRO A 359 12.16 -12.16 30.61
C PRO A 359 11.85 -13.59 31.02
N GLU A 360 10.63 -13.81 31.54
CA GLU A 360 10.29 -15.08 32.15
C GLU A 360 9.81 -16.08 31.12
N TRP A 361 9.19 -15.59 30.05
CA TRP A 361 8.50 -16.47 29.10
C TRP A 361 8.95 -16.19 27.68
N LYS A 362 9.70 -17.14 27.11
CA LYS A 362 10.18 -16.98 25.75
C LYS A 362 9.02 -16.96 24.77
N ASN A 363 9.07 -16.03 23.82
CA ASN A 363 8.06 -15.93 22.76
C ASN A 363 6.81 -15.18 23.20
N PHE A 364 6.84 -14.70 24.43
CA PHE A 364 5.81 -13.80 24.93
C PHE A 364 6.35 -12.37 24.88
N VAL A 365 5.74 -11.53 24.05
CA VAL A 365 6.27 -10.20 23.79
C VAL A 365 5.25 -9.16 24.23
N LEU A 366 5.74 -8.18 25.00
CA LEU A 366 4.91 -7.06 25.45
C LEU A 366 4.88 -5.98 24.39
N ALA A 367 3.71 -5.40 24.19
CA ALA A 367 3.61 -4.21 23.36
C ALA A 367 2.59 -3.27 23.97
N THR A 368 3.04 -2.46 24.92
CA THR A 368 2.16 -1.61 25.71
C THR A 368 2.96 -0.39 26.18
N GLY A 369 2.53 0.27 27.25
CA GLY A 369 3.25 1.43 27.75
C GLY A 369 2.94 2.69 26.96
N ASP A 370 1.76 2.68 26.34
CA ASP A 370 1.34 3.70 25.40
C ASP A 370 1.43 5.11 25.98
N SER A 371 1.33 5.21 27.30
CA SER A 371 1.63 6.45 28.02
C SER A 371 0.79 7.65 27.57
N GLY A 372 -0.40 7.36 27.06
CA GLY A 372 -1.39 8.40 26.76
C GLY A 372 -1.10 9.24 25.54
N HIS A 373 -0.26 8.74 24.63
CA HIS A 373 0.10 9.52 23.46
C HIS A 373 0.49 8.67 22.26
N SER A 374 -0.13 7.50 22.12
CA SER A 374 0.29 6.56 21.09
C SER A 374 -0.77 6.32 20.01
N PHE A 375 -1.93 6.96 20.08
CA PHE A 375 -2.91 6.67 19.05
C PHE A 375 -2.37 7.06 17.68
N LYS A 376 -1.60 8.14 17.64
CA LYS A 376 -1.08 8.64 16.38
C LYS A 376 -0.22 7.59 15.68
N LEU A 377 0.24 6.59 16.43
CA LEU A 377 1.17 5.58 15.91
C LEU A 377 0.42 4.37 15.37
N LEU A 378 -0.90 4.47 15.26
CA LEU A 378 -1.71 3.35 14.77
C LEU A 378 -1.16 2.78 13.46
N PRO A 379 -0.78 3.65 12.51
CA PRO A 379 -0.35 3.19 11.20
C PRO A 379 0.95 2.41 11.22
N ASN A 380 1.86 2.76 12.13
CA ASN A 380 3.27 2.38 11.98
C ASN A 380 3.82 1.51 13.09
N ILE A 381 3.25 1.59 14.29
CA ILE A 381 3.86 0.96 15.46
C ILE A 381 3.97 -0.56 15.29
N GLY A 382 3.04 -1.15 14.54
CA GLY A 382 3.04 -2.61 14.34
C GLY A 382 4.26 -3.12 13.63
N LYS A 383 4.83 -2.27 12.78
CA LYS A 383 6.00 -2.63 11.97
C LYS A 383 7.14 -2.98 12.91
N HIS A 384 7.26 -2.21 13.99
CA HIS A 384 8.37 -2.38 14.92
C HIS A 384 8.14 -3.54 15.87
N VAL A 385 6.89 -3.81 16.21
CA VAL A 385 6.56 -5.00 16.98
C VAL A 385 6.93 -6.26 16.19
N VAL A 386 6.59 -6.28 14.91
CA VAL A 386 6.98 -7.38 14.01
C VAL A 386 8.50 -7.53 13.96
N GLU A 387 9.19 -6.41 13.79
CA GLU A 387 10.64 -6.37 13.86
C GLU A 387 11.17 -7.06 15.11
N LEU A 388 10.65 -6.69 16.27
CA LEU A 388 11.01 -7.35 17.52
C LEU A 388 10.82 -8.86 17.43
N LEU A 389 9.67 -9.30 16.91
CA LEU A 389 9.39 -10.73 16.80
C LEU A 389 10.45 -11.40 15.93
N GLU A 390 11.08 -10.61 15.06
CA GLU A 390 11.91 -11.17 14.00
C GLU A 390 13.39 -10.95 14.31
N GLY A 391 13.67 -10.26 15.40
CA GLY A 391 15.04 -10.08 15.88
C GLY A 391 15.75 -8.93 15.21
N THR A 392 14.98 -8.06 14.55
CA THR A 392 15.56 -7.07 13.67
C THR A 392 15.27 -5.65 14.15
N LEU A 393 14.74 -5.52 15.36
CA LEU A 393 14.44 -4.21 15.91
C LEU A 393 15.71 -3.36 16.03
N ALA A 394 15.68 -2.16 15.48
CA ALA A 394 16.80 -1.23 15.61
C ALA A 394 17.23 -1.09 17.07
N ASP A 395 18.49 -0.71 17.28
CA ASP A 395 19.08 -0.67 18.61
C ASP A 395 18.42 0.39 19.51
N ASP A 396 18.22 1.59 18.95
CA ASP A 396 17.71 2.70 19.73
C ASP A 396 16.26 2.44 20.18
N LEU A 397 15.44 1.90 19.27
CA LEU A 397 14.09 1.51 19.62
C LEU A 397 14.08 0.45 20.71
N ALA A 398 14.85 -0.61 20.50
CA ALA A 398 14.91 -1.71 21.46
C ALA A 398 15.32 -1.20 22.84
N HIS A 399 16.22 -0.21 22.86
CA HIS A 399 16.72 0.34 24.11
C HIS A 399 15.61 1.12 24.80
N ALA A 400 15.00 2.04 24.08
CA ALA A 400 13.94 2.89 24.62
C ALA A 400 12.79 2.06 25.19
N TRP A 401 12.62 0.84 24.69
CA TRP A 401 11.38 0.07 24.86
C TRP A 401 11.64 -1.12 25.78
N ARG A 402 12.87 -1.20 26.29
CA ARG A 402 13.35 -2.41 26.95
C ARG A 402 12.65 -2.61 28.29
N TRP A 403 12.62 -3.87 28.73
CA TRP A 403 12.33 -4.22 30.11
C TRP A 403 13.15 -3.37 31.07
N ARG A 404 12.49 -2.76 32.05
CA ARG A 404 13.13 -1.78 32.93
C ARG A 404 12.36 -1.59 34.24
N PRO A 405 12.02 -2.69 34.91
CA PRO A 405 11.47 -2.56 36.26
C PRO A 405 12.37 -1.71 37.15
N GLY A 406 11.77 -1.04 38.14
CA GLY A 406 12.52 -0.29 39.14
C GLY A 406 13.27 0.90 38.58
N SER A 407 12.78 1.47 37.49
CA SER A 407 13.52 2.51 36.78
C SER A 407 12.79 3.86 36.83
N GLY A 408 11.95 4.05 37.84
CA GLY A 408 11.19 5.29 37.98
C GLY A 408 9.77 5.03 38.42
N ASP A 409 9.11 6.08 38.89
CA ASP A 409 7.76 5.96 39.43
C ASP A 409 6.74 6.30 38.34
N ALA A 410 6.03 5.29 37.88
CA ALA A 410 5.12 5.47 36.75
C ALA A 410 3.81 6.10 37.21
N LEU A 411 3.61 6.19 38.52
CA LEU A 411 2.42 6.82 39.07
C LEU A 411 2.43 8.32 38.77
N LYS A 412 3.62 8.89 38.76
CA LYS A 412 3.84 10.28 38.38
C LYS A 412 4.26 10.37 36.92
N SER A 413 5.11 9.44 36.49
CA SER A 413 5.61 9.42 35.11
C SER A 413 6.22 10.78 34.82
N ARG A 414 5.87 11.38 33.68
CA ARG A 414 6.38 12.69 33.31
C ARG A 414 5.32 13.75 33.46
N ARG A 415 4.22 13.40 34.12
CA ARG A 415 3.14 14.34 34.36
C ARG A 415 3.51 15.25 35.52
N SER A 416 2.63 16.19 35.84
CA SER A 416 2.97 17.22 36.82
C SER A 416 2.82 16.71 38.24
N ALA A 417 2.08 15.61 38.42
CA ALA A 417 1.78 15.09 39.76
C ALA A 417 1.44 13.61 39.68
N PRO A 418 1.63 12.88 40.79
CA PRO A 418 1.06 11.53 40.87
C PRO A 418 -0.44 11.59 40.60
N ALA A 419 -0.96 10.61 39.87
CA ALA A 419 -2.38 10.53 39.58
C ALA A 419 -3.18 10.49 40.86
N LYS A 420 -4.36 11.11 40.85
CA LYS A 420 -5.35 10.92 41.90
C LYS A 420 -6.12 9.64 41.64
N ASP A 421 -6.88 9.18 42.63
CA ASP A 421 -7.61 7.92 42.51
C ASP A 421 -9.12 8.13 42.49
N LEU A 422 -9.79 7.34 41.66
CA LEU A 422 -11.23 7.45 41.45
C LEU A 422 -12.01 7.24 42.74
N ALA A 423 -11.45 6.47 43.68
CA ALA A 423 -12.11 6.26 44.96
C ALA A 423 -12.42 7.58 45.67
N ASP A 424 -11.61 8.60 45.38
CA ASP A 424 -11.72 9.89 46.07
C ASP A 424 -12.34 10.97 45.20
N MET A 425 -12.68 10.63 43.96
CA MET A 425 -13.28 11.58 43.04
C MET A 425 -14.73 11.22 42.75
N PRO A 426 -15.67 11.80 43.50
CA PRO A 426 -17.09 11.45 43.35
C PRO A 426 -17.66 11.82 41.99
N GLY A 427 -18.63 11.03 41.51
CA GLY A 427 -19.59 11.52 40.53
C GLY A 427 -19.63 10.74 39.22
N TRP A 428 -18.76 9.74 39.09
CA TRP A 428 -18.66 8.99 37.84
C TRP A 428 -19.49 7.71 37.89
N ASN A 429 -19.68 7.18 39.10
CA ASN A 429 -20.36 5.91 39.30
C ASN A 429 -21.87 6.13 39.45
N HIS A 430 -22.65 5.49 38.58
CA HIS A 430 -24.10 5.61 38.63
C HIS A 430 -24.79 4.25 38.71
N ASP A 431 -24.07 3.26 39.24
CA ASP A 431 -24.69 2.05 39.73
C ASP A 431 -25.72 2.40 40.80
N MET B 1 17.19 -36.03 -31.47
CA MET B 1 16.86 -36.99 -32.57
C MET B 1 18.03 -37.16 -33.53
N ALA B 2 18.77 -36.08 -33.79
CA ALA B 2 18.21 -34.73 -33.74
C ALA B 2 17.75 -34.30 -35.13
N PRO B 3 16.54 -33.72 -35.21
CA PRO B 3 15.67 -33.88 -36.38
C PRO B 3 15.96 -32.88 -37.49
N SER B 4 15.25 -33.00 -38.60
CA SER B 4 15.18 -31.94 -39.61
C SER B 4 14.16 -30.88 -39.20
N ARG B 5 14.33 -29.65 -39.70
CA ARG B 5 13.50 -28.53 -39.29
C ARG B 5 12.03 -28.79 -39.58
N ALA B 6 11.75 -29.38 -40.74
CA ALA B 6 10.40 -29.79 -41.10
C ALA B 6 9.94 -30.91 -40.17
N ASN B 7 10.87 -31.51 -39.44
CA ASN B 7 10.58 -32.68 -38.61
C ASN B 7 10.69 -32.39 -37.11
N THR B 8 11.03 -31.15 -36.78
CA THR B 8 11.19 -30.74 -35.39
C THR B 8 9.89 -30.16 -34.84
N SER B 9 9.52 -30.60 -33.64
CA SER B 9 8.26 -30.16 -33.02
C SER B 9 8.54 -29.23 -31.84
N VAL B 10 7.68 -28.23 -31.68
CA VAL B 10 7.82 -27.21 -30.63
C VAL B 10 6.45 -26.91 -30.04
N ILE B 11 6.35 -26.94 -28.72
CA ILE B 11 5.18 -26.46 -28.01
C ILE B 11 5.42 -25.06 -27.46
N VAL B 12 4.49 -24.16 -27.72
CA VAL B 12 4.58 -22.80 -27.22
C VAL B 12 3.48 -22.58 -26.20
N VAL B 13 3.89 -22.58 -24.95
CA VAL B 13 2.97 -22.39 -23.83
C VAL B 13 2.77 -20.89 -23.65
N GLY B 14 1.51 -20.48 -23.60
CA GLY B 14 1.14 -19.07 -23.74
C GLY B 14 1.23 -18.52 -25.15
N GLY B 15 1.07 -19.38 -26.15
CA GLY B 15 1.12 -18.96 -27.55
C GLY B 15 -0.09 -18.16 -28.00
N GLY B 16 -1.05 -17.97 -27.10
CA GLY B 16 -2.16 -17.03 -27.32
C GLY B 16 -1.90 -15.61 -26.85
N GLY B 17 -0.68 -15.35 -26.38
CA GLY B 17 -0.28 -14.02 -25.96
C GLY B 17 0.81 -13.43 -26.85
N THR B 18 1.52 -12.44 -26.34
CA THR B 18 2.31 -11.58 -27.20
C THR B 18 3.58 -12.31 -27.68
N ILE B 19 4.46 -12.63 -26.75
CA ILE B 19 5.73 -13.28 -27.11
C ILE B 19 5.47 -14.67 -27.68
N GLY B 20 4.48 -15.36 -27.12
CA GLY B 20 4.18 -16.73 -27.54
C GLY B 20 3.64 -16.78 -28.96
N SER B 21 2.70 -15.90 -29.29
CA SER B 21 2.15 -15.88 -30.64
C SER B 21 3.23 -15.48 -31.63
N SER B 22 4.10 -14.56 -31.23
CA SER B 22 5.22 -14.17 -32.08
C SER B 22 6.15 -15.35 -32.35
N THR B 23 6.40 -16.14 -31.32
CA THR B 23 7.27 -17.31 -31.46
C THR B 23 6.67 -18.30 -32.44
N ALA B 24 5.36 -18.54 -32.34
CA ALA B 24 4.68 -19.47 -33.21
C ALA B 24 4.73 -18.97 -34.65
N LEU B 25 4.52 -17.67 -34.83
CA LEU B 25 4.57 -17.07 -36.15
C LEU B 25 5.92 -17.35 -36.79
N HIS B 26 7.01 -17.07 -36.06
CA HIS B 26 8.34 -17.17 -36.66
C HIS B 26 8.81 -18.60 -36.88
N LEU B 27 8.29 -19.52 -36.08
CA LEU B 27 8.49 -20.95 -36.35
C LEU B 27 7.90 -21.31 -37.69
N VAL B 28 6.64 -20.94 -37.93
CA VAL B 28 6.02 -21.23 -39.20
C VAL B 28 6.73 -20.52 -40.35
N ARG B 29 7.04 -19.24 -40.17
CA ARG B 29 7.68 -18.46 -41.23
C ARG B 29 9.10 -18.98 -41.51
N SER B 30 9.73 -19.58 -40.51
CA SER B 30 11.08 -20.15 -40.65
C SER B 30 11.08 -21.49 -41.36
N GLY B 31 9.91 -22.11 -41.50
CA GLY B 31 9.80 -23.37 -42.23
C GLY B 31 9.63 -24.60 -41.37
N TYR B 32 9.29 -24.42 -40.09
CA TYR B 32 8.81 -25.55 -39.29
C TYR B 32 7.45 -25.95 -39.83
N THR B 33 7.18 -27.25 -39.81
CA THR B 33 5.87 -27.74 -40.25
C THR B 33 4.80 -27.24 -39.30
N PRO B 34 3.81 -26.51 -39.82
CA PRO B 34 2.81 -25.89 -38.95
C PRO B 34 2.22 -26.89 -37.97
N SER B 35 1.92 -28.10 -38.46
CA SER B 35 1.24 -29.11 -37.64
C SER B 35 2.15 -29.69 -36.56
N ASN B 36 3.43 -29.39 -36.63
CA ASN B 36 4.37 -29.71 -35.54
C ASN B 36 4.53 -28.57 -34.55
N VAL B 37 3.85 -27.47 -34.80
CA VAL B 37 3.81 -26.37 -33.84
C VAL B 37 2.49 -26.43 -33.08
N THR B 38 2.60 -26.55 -31.76
CA THR B 38 1.44 -26.57 -30.89
C THR B 38 1.36 -25.32 -30.03
N VAL B 39 0.28 -24.57 -30.18
CA VAL B 39 0.06 -23.41 -29.37
C VAL B 39 -0.86 -23.79 -28.22
N LEU B 40 -0.33 -23.74 -27.01
CA LEU B 40 -1.14 -23.92 -25.81
C LEU B 40 -1.38 -22.59 -25.10
N ASP B 41 -2.63 -22.33 -24.75
CA ASP B 41 -2.95 -21.22 -23.86
C ASP B 41 -4.17 -21.52 -23.02
N ALA B 42 -4.22 -20.89 -21.84
CA ALA B 42 -5.41 -20.93 -21.01
C ALA B 42 -6.65 -20.44 -21.73
N TYR B 43 -6.49 -19.45 -22.61
CA TYR B 43 -7.60 -18.94 -23.41
C TYR B 43 -7.21 -18.88 -24.89
N PRO B 44 -8.19 -19.04 -25.78
CA PRO B 44 -7.96 -19.00 -27.22
C PRO B 44 -7.31 -17.71 -27.68
N ILE B 45 -6.33 -17.82 -28.58
CA ILE B 45 -5.65 -16.66 -29.16
C ILE B 45 -6.65 -15.76 -29.88
N PRO B 46 -6.53 -14.44 -29.70
CA PRO B 46 -5.78 -13.76 -28.64
C PRO B 46 -6.37 -14.02 -27.26
N SER B 47 -5.54 -14.51 -26.35
CA SER B 47 -5.99 -14.89 -25.02
C SER B 47 -6.70 -13.76 -24.29
N SER B 48 -7.85 -14.08 -23.71
CA SER B 48 -8.62 -13.14 -22.92
C SER B 48 -7.79 -12.41 -21.87
N GLN B 49 -6.77 -13.06 -21.31
CA GLN B 49 -6.00 -12.43 -20.23
C GLN B 49 -4.60 -11.99 -20.65
N SER B 50 -4.27 -12.16 -21.93
CA SER B 50 -3.06 -11.58 -22.47
C SER B 50 -3.04 -10.06 -22.29
N ALA B 51 -1.91 -9.54 -21.85
CA ALA B 51 -1.71 -8.10 -21.71
C ALA B 51 -1.63 -7.44 -23.09
N GLY B 52 -1.50 -8.25 -24.13
CA GLY B 52 -1.53 -7.77 -25.50
C GLY B 52 -2.92 -7.68 -26.10
N ASN B 53 -3.90 -8.32 -25.46
CA ASN B 53 -5.26 -8.35 -25.98
C ASN B 53 -6.04 -7.12 -25.54
N ASP B 54 -5.74 -6.00 -26.18
CA ASP B 54 -6.15 -4.68 -25.70
C ASP B 54 -6.49 -3.82 -26.90
N LEU B 55 -7.10 -2.67 -26.66
CA LEU B 55 -7.49 -1.78 -27.74
C LEU B 55 -6.30 -0.98 -28.29
N ALA B 56 -5.36 -0.61 -27.42
CA ALA B 56 -4.24 0.22 -27.85
C ALA B 56 -3.03 0.09 -26.94
N LYS B 57 -1.85 0.07 -27.56
CA LYS B 57 -0.60 0.25 -26.84
C LYS B 57 0.22 1.32 -27.54
N ILE B 58 1.14 1.91 -26.80
CA ILE B 58 2.03 2.90 -27.37
C ILE B 58 3.11 2.21 -28.19
N MET B 59 3.39 2.76 -29.36
CA MET B 59 4.54 2.35 -30.14
C MET B 59 5.64 3.40 -29.96
N GLY B 60 6.85 2.94 -29.69
CA GLY B 60 7.99 3.84 -29.50
C GLY B 60 9.30 3.10 -29.63
N VAL B 61 10.37 3.83 -29.91
CA VAL B 61 11.70 3.26 -29.91
C VAL B 61 12.45 3.65 -28.64
N SER B 62 12.66 2.68 -27.77
CA SER B 62 13.39 2.90 -26.52
C SER B 62 14.87 2.58 -26.71
N LEU B 63 15.68 2.89 -25.70
CA LEU B 63 17.13 2.66 -25.76
C LEU B 63 17.74 2.56 -24.37
N ARG B 64 17.14 1.72 -23.53
CA ARG B 64 17.70 1.40 -22.23
C ARG B 64 19.11 0.85 -22.36
N ASN B 65 19.37 0.19 -23.49
CA ASN B 65 20.69 -0.37 -23.76
C ASN B 65 20.76 -0.84 -25.20
N PRO B 66 21.96 -1.26 -25.65
CA PRO B 66 22.14 -1.68 -27.03
C PRO B 66 21.10 -2.70 -27.52
N VAL B 67 20.78 -3.72 -26.72
CA VAL B 67 19.89 -4.77 -27.18
C VAL B 67 18.46 -4.25 -27.20
N ASP B 68 18.13 -3.39 -26.25
CA ASP B 68 16.82 -2.77 -26.21
C ASP B 68 16.58 -2.00 -27.50
N LEU B 69 17.54 -1.16 -27.86
CA LEU B 69 17.48 -0.38 -29.09
C LEU B 69 17.43 -1.28 -30.31
N GLN B 70 18.29 -2.29 -30.34
CA GLN B 70 18.27 -3.26 -31.44
C GLN B 70 16.85 -3.74 -31.65
N LEU B 71 16.21 -4.17 -30.56
CA LEU B 71 14.90 -4.80 -30.65
C LEU B 71 13.85 -3.81 -31.09
N ALA B 72 13.96 -2.58 -30.60
CA ALA B 72 12.92 -1.58 -30.84
C ALA B 72 12.95 -1.14 -32.30
N LEU B 73 14.14 -1.03 -32.85
CA LEU B 73 14.32 -0.70 -34.27
C LEU B 73 13.84 -1.82 -35.19
N GLU B 74 14.17 -3.06 -34.84
CA GLU B 74 13.60 -4.23 -35.49
C GLU B 74 12.08 -4.16 -35.54
N ALA B 75 11.47 -3.86 -34.41
CA ALA B 75 10.01 -3.79 -34.31
C ALA B 75 9.46 -2.65 -35.17
N ARG B 76 10.07 -1.48 -35.05
CA ARG B 76 9.62 -0.32 -35.82
C ARG B 76 9.60 -0.68 -37.30
N GLN B 77 10.64 -1.34 -37.78
CA GLN B 77 10.71 -1.69 -39.19
C GLN B 77 9.55 -2.60 -39.58
N MET B 78 9.28 -3.62 -38.77
CA MET B 78 8.23 -4.57 -39.09
C MET B 78 6.83 -3.93 -39.02
N TRP B 79 6.58 -3.07 -38.04
CA TRP B 79 5.29 -2.39 -37.96
C TRP B 79 5.06 -1.49 -39.19
N ASN B 80 6.15 -1.08 -39.82
CA ASN B 80 6.05 -0.19 -40.98
C ASN B 80 5.94 -0.98 -42.29
N GLU B 81 6.49 -2.18 -42.31
CA GLU B 81 6.84 -2.82 -43.59
C GLU B 81 6.34 -4.25 -43.71
N ASP B 82 6.00 -4.88 -42.59
CA ASP B 82 5.54 -6.26 -42.62
C ASP B 82 4.04 -6.31 -42.87
N GLU B 83 3.61 -7.03 -43.91
CA GLU B 83 2.23 -6.90 -44.37
C GLU B 83 1.22 -7.49 -43.40
N LEU B 84 1.66 -8.35 -42.50
CA LEU B 84 0.78 -8.90 -41.47
C LEU B 84 0.45 -7.87 -40.38
N PHE B 85 1.42 -6.98 -40.10
CA PHE B 85 1.36 -6.09 -38.93
C PHE B 85 1.03 -4.64 -39.31
N LYS B 86 1.40 -4.26 -40.53
CA LYS B 86 1.30 -2.89 -41.04
C LYS B 86 0.02 -2.14 -40.66
N LYS B 87 -1.14 -2.72 -40.95
CA LYS B 87 -2.39 -1.98 -40.86
C LYS B 87 -2.78 -1.65 -39.42
N PHE B 88 -2.12 -2.30 -38.46
CA PHE B 88 -2.44 -2.10 -37.04
C PHE B 88 -1.55 -1.10 -36.34
N PHE B 89 -0.52 -0.61 -37.02
CA PHE B 89 0.26 0.53 -36.53
C PHE B 89 -0.34 1.83 -37.04
N HIS B 90 -0.83 2.65 -36.12
CA HIS B 90 -1.34 3.96 -36.45
C HIS B 90 -0.30 5.01 -36.09
N ASN B 91 0.36 5.53 -37.11
CA ASN B 91 1.51 6.40 -36.94
C ASN B 91 1.06 7.85 -36.74
N THR B 92 0.50 8.12 -35.56
CA THR B 92 -0.02 9.45 -35.20
C THR B 92 1.07 10.38 -34.68
N GLY B 93 2.25 9.81 -34.45
CA GLY B 93 3.26 10.46 -33.60
C GLY B 93 2.94 10.37 -32.11
N ARG B 94 3.89 10.81 -31.31
CA ARG B 94 3.76 10.76 -29.85
C ARG B 94 4.37 12.02 -29.24
N LEU B 95 3.65 12.64 -28.31
CA LEU B 95 4.21 13.68 -27.46
C LEU B 95 4.59 13.12 -26.12
N ASP B 96 5.88 13.14 -25.79
CA ASP B 96 6.32 12.84 -24.43
C ASP B 96 6.59 14.11 -23.64
N CYS B 97 5.72 14.39 -22.66
CA CYS B 97 5.71 15.69 -21.99
C CYS B 97 6.26 15.59 -20.57
N ALA B 98 6.72 16.72 -20.03
CA ALA B 98 7.18 16.76 -18.65
C ALA B 98 6.99 18.15 -18.06
N HIS B 99 6.88 18.20 -16.74
CA HIS B 99 6.74 19.46 -16.02
C HIS B 99 7.52 19.33 -14.71
N GLY B 100 8.12 20.43 -14.27
CA GLY B 100 9.01 20.41 -13.11
C GLY B 100 10.46 20.36 -13.54
N GLU B 101 11.32 21.07 -12.82
CA GLU B 101 12.70 21.23 -13.26
C GLU B 101 13.37 19.87 -13.44
N LYS B 102 13.16 18.97 -12.49
CA LYS B 102 13.88 17.71 -12.50
C LYS B 102 13.38 16.84 -13.66
N ASP B 103 12.07 16.80 -13.84
CA ASP B 103 11.49 15.96 -14.88
C ASP B 103 11.85 16.49 -16.27
N ILE B 104 11.86 17.82 -16.43
CA ILE B 104 12.22 18.42 -17.70
C ILE B 104 13.71 18.19 -18.01
N ALA B 105 14.54 18.30 -16.98
CA ALA B 105 15.97 18.04 -17.13
C ALA B 105 16.21 16.61 -17.62
N ASP B 106 15.49 15.66 -17.03
CA ASP B 106 15.60 14.25 -17.40
C ASP B 106 15.05 13.96 -18.80
N LEU B 107 13.92 14.56 -19.14
CA LEU B 107 13.39 14.49 -20.51
C LEU B 107 14.38 15.05 -21.53
N LYS B 108 14.93 16.22 -21.25
CA LYS B 108 15.88 16.86 -22.16
C LYS B 108 17.09 15.97 -22.39
N SER B 109 17.61 15.36 -21.32
CA SER B 109 18.76 14.45 -21.47
C SER B 109 18.35 13.18 -22.19
N GLY B 110 17.11 12.74 -21.97
CA GLY B 110 16.49 11.70 -22.78
C GLY B 110 16.44 12.05 -24.25
N TYR B 111 16.05 13.29 -24.55
CA TYR B 111 16.07 13.78 -25.92
C TYR B 111 17.49 13.66 -26.51
N GLN B 112 18.50 14.04 -25.73
CA GLN B 112 19.87 14.03 -26.25
C GLN B 112 20.31 12.60 -26.55
N ALA B 113 19.85 11.66 -25.74
CA ALA B 113 20.25 10.26 -25.90
C ALA B 113 19.69 9.72 -27.21
N LEU B 114 18.48 10.15 -27.54
CA LEU B 114 17.84 9.76 -28.79
C LEU B 114 18.62 10.31 -29.99
N VAL B 115 18.96 11.59 -29.91
CA VAL B 115 19.74 12.23 -30.96
C VAL B 115 21.06 11.49 -31.16
N ASP B 116 21.70 11.14 -30.07
CA ASP B 116 23.03 10.56 -30.10
C ASP B 116 22.97 9.12 -30.60
N ALA B 117 21.80 8.50 -30.46
CA ALA B 117 21.59 7.14 -30.92
C ALA B 117 21.30 7.09 -32.41
N GLY B 118 21.12 8.24 -33.04
CA GLY B 118 20.84 8.30 -34.48
C GLY B 118 19.37 8.50 -34.84
N LEU B 119 18.57 8.87 -33.84
CA LEU B 119 17.14 9.05 -34.06
C LEU B 119 16.73 10.52 -34.15
N ASP B 120 17.68 11.36 -34.56
CA ASP B 120 17.48 12.81 -34.58
C ASP B 120 16.45 13.23 -35.62
N ALA B 121 16.36 12.45 -36.71
CA ALA B 121 15.51 12.82 -37.83
C ALA B 121 14.03 12.78 -37.47
N THR B 122 13.67 11.95 -36.49
CA THR B 122 12.26 11.70 -36.17
C THR B 122 11.89 12.12 -34.75
N ASN B 123 12.75 12.91 -34.10
CA ASN B 123 12.45 13.45 -32.78
C ASN B 123 12.81 14.93 -32.69
N GLU B 124 11.91 15.72 -32.13
CA GLU B 124 12.20 17.13 -31.94
C GLU B 124 11.84 17.62 -30.54
N TRP B 125 12.57 18.62 -30.07
CA TRP B 125 12.38 19.15 -28.73
C TRP B 125 11.43 20.34 -28.79
N LEU B 126 10.36 20.29 -28.00
CA LEU B 126 9.42 21.40 -27.93
C LEU B 126 9.55 22.11 -26.58
N ASP B 127 9.92 23.38 -26.61
CA ASP B 127 10.38 24.05 -25.40
C ASP B 127 9.39 25.09 -24.90
N SER B 128 8.14 25.01 -25.34
CA SER B 128 7.10 25.92 -24.88
C SER B 128 5.71 25.33 -25.08
N GLU B 129 4.72 25.88 -24.39
CA GLU B 129 3.35 25.44 -24.56
C GLU B 129 2.89 25.68 -25.99
N ASP B 130 3.25 26.83 -26.55
CA ASP B 130 2.93 27.12 -27.94
C ASP B 130 3.36 26.00 -28.88
N GLU B 131 4.61 25.55 -28.75
CA GLU B 131 5.16 24.55 -29.67
C GLU B 131 4.44 23.22 -29.51
N ILE B 132 4.09 22.88 -28.27
CA ILE B 132 3.31 21.68 -27.96
C ILE B 132 1.91 21.77 -28.55
N LEU B 133 1.28 22.93 -28.41
CA LEU B 133 -0.10 23.08 -28.85
C LEU B 133 -0.18 23.10 -30.37
N LYS B 134 0.86 23.61 -31.03
CA LYS B 134 0.98 23.46 -32.48
C LYS B 134 0.77 22.00 -32.88
N ARG B 135 1.33 21.09 -32.10
CA ARG B 135 1.29 19.67 -32.42
C ARG B 135 -0.04 19.05 -31.99
N MET B 136 -0.59 19.57 -30.89
CA MET B 136 -1.79 18.99 -30.29
C MET B 136 -2.62 20.13 -29.70
N PRO B 137 -3.29 20.90 -30.56
CA PRO B 137 -4.01 22.11 -30.15
C PRO B 137 -5.23 21.82 -29.27
N LEU B 138 -5.62 20.56 -29.16
CA LEU B 138 -6.74 20.18 -28.31
C LEU B 138 -6.34 20.08 -26.85
N LEU B 139 -5.04 20.12 -26.57
CA LEU B 139 -4.57 20.25 -25.20
C LEU B 139 -4.99 21.62 -24.66
N SER B 140 -5.08 21.74 -23.34
CA SER B 140 -5.49 22.98 -22.70
C SER B 140 -4.28 23.79 -22.23
N ARG B 141 -4.15 25.01 -22.77
CA ARG B 141 -3.05 25.89 -22.40
C ARG B 141 -2.93 26.06 -20.89
N ASP B 142 -4.07 26.12 -20.20
CA ASP B 142 -4.10 26.21 -18.75
C ASP B 142 -3.39 25.02 -18.09
N GLN B 143 -3.67 23.83 -18.57
CA GLN B 143 -3.25 22.60 -17.89
C GLN B 143 -1.78 22.31 -18.13
N ILE B 144 -1.28 22.74 -19.28
CA ILE B 144 0.08 22.40 -19.69
C ILE B 144 1.01 23.59 -19.54
N LYS B 145 0.67 24.48 -18.63
CA LYS B 145 1.54 25.59 -18.25
C LYS B 145 2.90 25.07 -17.80
N GLY B 146 3.96 25.51 -18.48
CA GLY B 146 5.33 25.18 -18.08
C GLY B 146 5.77 23.81 -18.58
N TRP B 147 4.96 23.19 -19.43
CA TRP B 147 5.33 21.90 -20.01
C TRP B 147 6.35 22.08 -21.12
N LYS B 148 7.31 21.17 -21.19
CA LYS B 148 8.04 20.89 -22.43
C LYS B 148 7.78 19.45 -22.88
N ALA B 149 8.17 19.13 -24.12
CA ALA B 149 7.92 17.80 -24.69
C ALA B 149 8.92 17.41 -25.77
N ILE B 150 9.11 16.10 -25.92
CA ILE B 150 9.61 15.53 -27.15
C ILE B 150 8.47 15.14 -28.06
N PHE B 151 8.52 15.55 -29.33
CA PHE B 151 7.60 15.01 -30.33
C PHE B 151 8.28 13.99 -31.22
N SER B 152 7.77 12.77 -31.18
CA SER B 152 8.31 11.69 -31.99
C SER B 152 7.40 11.37 -33.16
N LYS B 153 7.92 11.58 -34.37
CA LYS B 153 7.14 11.39 -35.60
C LYS B 153 6.87 9.91 -35.87
N ASP B 154 7.73 9.04 -35.37
CA ASP B 154 7.66 7.61 -35.71
C ASP B 154 6.97 6.82 -34.59
N GLY B 155 6.50 7.51 -33.57
CA GLY B 155 5.65 6.90 -32.55
C GLY B 155 4.19 6.85 -32.96
N GLY B 156 3.35 6.38 -32.05
CA GLY B 156 1.95 6.20 -32.36
C GLY B 156 1.37 5.08 -31.52
N TRP B 157 0.35 4.42 -32.05
CA TRP B 157 -0.33 3.38 -31.28
C TRP B 157 -0.62 2.15 -32.11
N LEU B 158 -0.88 1.06 -31.39
CA LEU B 158 -0.93 -0.27 -31.96
C LEU B 158 -2.28 -0.88 -31.62
N ALA B 159 -3.00 -1.33 -32.64
CA ALA B 159 -4.25 -2.04 -32.40
C ALA B 159 -3.93 -3.47 -32.00
N ALA B 160 -3.70 -3.67 -30.71
CA ALA B 160 -2.95 -4.81 -30.21
C ALA B 160 -3.74 -6.11 -30.38
N ALA B 161 -5.00 -6.11 -29.94
CA ALA B 161 -5.83 -7.32 -30.02
C ALA B 161 -6.00 -7.72 -31.49
N LYS B 162 -6.22 -6.73 -32.34
CA LYS B 162 -6.36 -6.99 -33.78
C LYS B 162 -5.07 -7.56 -34.39
N ALA B 163 -3.91 -7.12 -33.90
CA ALA B 163 -2.64 -7.65 -34.39
C ALA B 163 -2.41 -9.10 -33.97
N ILE B 164 -2.68 -9.41 -32.70
CA ILE B 164 -2.53 -10.78 -32.24
C ILE B 164 -3.52 -11.68 -32.95
N ASN B 165 -4.73 -11.19 -33.20
CA ASN B 165 -5.70 -12.01 -33.92
C ASN B 165 -5.26 -12.30 -35.35
N ALA B 166 -4.74 -11.30 -36.03
CA ALA B 166 -4.18 -11.51 -37.36
C ALA B 166 -3.10 -12.60 -37.33
N VAL B 167 -2.23 -12.56 -36.32
CA VAL B 167 -1.23 -13.61 -36.16
C VAL B 167 -1.90 -14.97 -36.00
N GLY B 168 -2.96 -15.01 -35.19
CA GLY B 168 -3.62 -16.28 -34.88
C GLY B 168 -4.40 -16.82 -36.06
N GLU B 169 -4.97 -15.94 -36.87
CA GLU B 169 -5.63 -16.35 -38.12
C GLU B 169 -4.62 -16.97 -39.10
N TYR B 170 -3.47 -16.31 -39.26
CA TYR B 170 -2.36 -16.90 -40.01
C TYR B 170 -2.01 -18.30 -39.51
N LEU B 171 -1.73 -18.40 -38.21
CA LEU B 171 -1.35 -19.67 -37.62
C LEU B 171 -2.43 -20.71 -37.87
N ARG B 172 -3.68 -20.34 -37.64
CA ARG B 172 -4.80 -21.23 -37.90
C ARG B 172 -4.73 -21.71 -39.34
N ASP B 173 -4.63 -20.78 -40.27
CA ASP B 173 -4.70 -21.11 -41.70
C ASP B 173 -3.54 -21.99 -42.14
N GLN B 174 -2.38 -21.82 -41.50
CA GLN B 174 -1.20 -22.60 -41.87
C GLN B 174 -1.30 -24.03 -41.35
N GLY B 175 -2.04 -24.22 -40.26
CA GLY B 175 -2.30 -25.57 -39.74
C GLY B 175 -1.61 -25.85 -38.42
N VAL B 176 -1.28 -24.79 -37.68
CA VAL B 176 -0.82 -24.93 -36.31
C VAL B 176 -1.87 -25.65 -35.47
N ARG B 177 -1.42 -26.46 -34.53
CA ARG B 177 -2.32 -27.13 -33.59
C ARG B 177 -2.57 -26.27 -32.36
N PHE B 178 -3.84 -26.09 -32.00
CA PHE B 178 -4.22 -25.27 -30.85
C PHE B 178 -4.70 -26.17 -29.72
N GLY B 179 -4.40 -25.77 -28.50
CA GLY B 179 -5.09 -26.33 -27.33
C GLY B 179 -5.33 -25.25 -26.30
N PHE B 180 -6.59 -25.06 -25.91
CA PHE B 180 -6.98 -23.97 -25.02
C PHE B 180 -7.75 -24.48 -23.81
N TYR B 181 -8.00 -23.58 -22.85
CA TYR B 181 -8.70 -23.91 -21.61
C TYR B 181 -7.98 -25.02 -20.87
N GLY B 182 -8.71 -26.05 -20.42
CA GLY B 182 -8.09 -27.13 -19.66
C GLY B 182 -7.01 -27.84 -20.45
N ALA B 183 -7.18 -27.86 -21.77
CA ALA B 183 -6.27 -28.57 -22.68
C ALA B 183 -5.10 -27.68 -23.10
N GLY B 184 -5.08 -26.45 -22.62
CA GLY B 184 -4.03 -25.49 -22.94
C GLY B 184 -3.36 -24.90 -21.70
N SER B 185 -3.95 -25.09 -20.52
CA SER B 185 -3.38 -24.54 -19.29
C SER B 185 -2.28 -25.43 -18.74
N PHE B 186 -1.04 -24.97 -18.92
CA PHE B 186 0.16 -25.64 -18.44
C PHE B 186 0.05 -25.95 -16.95
N LYS B 187 0.39 -27.17 -16.60
CA LYS B 187 0.50 -27.59 -15.21
C LYS B 187 1.94 -28.00 -14.88
N ALA B 188 2.54 -28.79 -15.76
CA ALA B 188 3.90 -29.30 -15.52
C ALA B 188 4.63 -29.62 -16.81
N PRO B 189 5.96 -29.47 -16.81
CA PRO B 189 6.72 -30.09 -17.87
C PRO B 189 6.70 -31.59 -17.71
N LEU B 190 6.71 -32.31 -18.84
CA LEU B 190 6.95 -33.75 -18.83
C LEU B 190 8.45 -34.03 -18.95
N LEU B 191 8.96 -34.88 -18.07
CA LEU B 191 10.41 -35.02 -17.90
C LEU B 191 10.86 -36.47 -18.04
N ALA B 192 11.95 -36.68 -18.77
CA ALA B 192 12.65 -37.95 -18.74
C ALA B 192 14.09 -37.72 -18.33
N GLU B 193 14.40 -38.08 -17.08
CA GLU B 193 15.74 -37.87 -16.52
C GLU B 193 16.22 -36.44 -16.74
N GLY B 194 15.39 -35.47 -16.39
CA GLY B 194 15.78 -34.06 -16.45
C GLY B 194 15.91 -33.55 -17.88
N VAL B 195 15.34 -34.29 -18.82
CA VAL B 195 15.13 -33.75 -20.16
C VAL B 195 13.65 -33.58 -20.42
N CYS B 196 13.25 -32.38 -20.83
CA CYS B 196 11.85 -32.07 -21.08
C CYS B 196 11.40 -32.63 -22.43
N ILE B 197 10.30 -33.39 -22.41
CA ILE B 197 9.82 -34.06 -23.60
C ILE B 197 8.43 -33.58 -23.98
N GLY B 198 7.89 -32.67 -23.18
CA GLY B 198 6.66 -31.97 -23.51
C GLY B 198 6.02 -31.39 -22.27
N VAL B 199 4.71 -31.25 -22.29
CA VAL B 199 4.03 -30.69 -21.13
C VAL B 199 2.75 -31.44 -20.83
N GLU B 200 2.34 -31.38 -19.56
CA GLU B 200 0.99 -31.75 -19.17
C GLU B 200 0.15 -30.54 -18.81
N THR B 201 -1.12 -30.56 -19.21
CA THR B 201 -2.05 -29.50 -18.85
C THR B 201 -2.98 -29.90 -17.71
N VAL B 202 -3.66 -28.89 -17.16
CA VAL B 202 -4.48 -29.08 -15.98
C VAL B 202 -5.46 -30.24 -16.15
N ASP B 203 -6.00 -30.42 -17.35
CA ASP B 203 -7.03 -31.43 -17.56
C ASP B 203 -6.42 -32.80 -17.82
N GLY B 204 -5.09 -32.85 -17.84
CA GLY B 204 -4.39 -34.13 -17.94
C GLY B 204 -3.94 -34.45 -19.36
N THR B 205 -4.31 -33.60 -20.32
CA THR B 205 -3.82 -33.75 -21.68
C THR B 205 -2.28 -33.65 -21.69
N ARG B 206 -1.65 -34.54 -22.46
CA ARG B 206 -0.20 -34.54 -22.58
C ARG B 206 0.20 -34.27 -24.03
N TYR B 207 1.15 -33.35 -24.20
CA TYR B 207 1.69 -33.01 -25.51
C TYR B 207 3.19 -33.24 -25.48
N TYR B 208 3.73 -33.75 -26.60
CA TYR B 208 5.14 -34.07 -26.68
C TYR B 208 5.78 -33.31 -27.83
N ALA B 209 7.06 -32.98 -27.68
CA ALA B 209 7.75 -32.19 -28.67
C ALA B 209 9.24 -32.20 -28.35
N ASP B 210 10.05 -31.77 -29.32
CA ASP B 210 11.49 -31.65 -29.16
C ASP B 210 11.86 -30.47 -28.27
N LYS B 211 11.01 -29.44 -28.25
CA LYS B 211 11.30 -28.20 -27.54
C LYS B 211 10.01 -27.68 -26.94
N VAL B 212 10.11 -27.04 -25.78
CA VAL B 212 8.99 -26.37 -25.14
C VAL B 212 9.38 -24.95 -24.77
N VAL B 213 8.54 -24.00 -25.17
CA VAL B 213 8.73 -22.59 -24.83
C VAL B 213 7.68 -22.15 -23.81
N LEU B 214 8.12 -21.62 -22.68
CA LEU B 214 7.23 -21.01 -21.71
C LEU B 214 7.15 -19.51 -21.90
N ALA B 215 6.12 -19.07 -22.62
CA ALA B 215 5.89 -17.64 -22.83
C ALA B 215 4.60 -17.24 -22.12
N ALA B 216 4.56 -17.43 -20.81
CA ALA B 216 3.29 -17.32 -20.09
C ALA B 216 3.15 -15.99 -19.38
N GLY B 217 3.95 -15.01 -19.79
CA GLY B 217 3.74 -13.64 -19.33
C GLY B 217 3.85 -13.52 -17.82
N ALA B 218 2.91 -12.81 -17.23
CA ALA B 218 2.87 -12.57 -15.79
C ALA B 218 2.72 -13.87 -14.99
N TRP B 219 2.30 -14.94 -15.67
CA TRP B 219 2.07 -16.22 -15.03
C TRP B 219 3.34 -17.09 -14.97
N SER B 220 4.37 -16.70 -15.70
CA SER B 220 5.57 -17.54 -15.83
C SER B 220 6.17 -17.89 -14.47
N PRO B 221 6.35 -16.89 -13.60
CA PRO B 221 6.93 -17.26 -12.31
C PRO B 221 6.02 -18.05 -11.38
N THR B 222 4.73 -18.07 -11.67
CA THR B 222 3.79 -18.90 -10.93
C THR B 222 3.78 -20.35 -11.42
N LEU B 223 4.25 -20.59 -12.64
CA LEU B 223 4.13 -21.92 -13.26
C LEU B 223 5.37 -22.76 -13.05
N VAL B 224 6.53 -22.13 -13.09
CA VAL B 224 7.80 -22.79 -12.79
C VAL B 224 8.66 -21.94 -11.87
N GLU B 225 9.49 -22.60 -11.08
CA GLU B 225 10.43 -21.95 -10.17
C GLU B 225 11.40 -21.04 -10.92
N LEU B 226 11.34 -19.75 -10.63
CA LEU B 226 12.20 -18.77 -11.30
C LEU B 226 12.99 -17.93 -10.30
N HIS B 227 12.87 -18.28 -9.02
CA HIS B 227 13.77 -17.74 -8.00
C HIS B 227 13.71 -16.22 -8.01
N GLU B 228 12.50 -15.68 -8.16
CA GLU B 228 12.25 -14.26 -7.97
C GLU B 228 12.91 -13.40 -9.05
N GLN B 229 13.30 -14.03 -10.15
CA GLN B 229 13.85 -13.29 -11.29
C GLN B 229 12.79 -12.43 -11.96
N CYS B 230 11.54 -12.89 -11.88
CA CYS B 230 10.39 -12.17 -12.41
C CYS B 230 9.41 -11.94 -11.27
N VAL B 231 8.95 -10.70 -11.10
CA VAL B 231 7.90 -10.38 -10.15
C VAL B 231 6.74 -9.71 -10.89
N SER B 232 5.55 -10.32 -10.79
CA SER B 232 4.43 -9.94 -11.62
C SER B 232 3.65 -8.78 -10.99
N LYS B 233 3.25 -7.83 -11.83
CA LYS B 233 2.60 -6.62 -11.36
C LYS B 233 1.51 -6.23 -12.33
N ALA B 234 0.47 -5.56 -11.83
CA ALA B 234 -0.61 -5.11 -12.69
C ALA B 234 -0.54 -3.60 -12.92
N TRP B 235 -0.89 -3.21 -14.13
CA TRP B 235 -1.17 -1.82 -14.44
C TRP B 235 -2.64 -1.68 -14.83
N VAL B 236 -3.09 -0.44 -14.98
CA VAL B 236 -4.51 -0.14 -14.98
C VAL B 236 -4.84 0.77 -16.16
N TYR B 237 -6.08 0.68 -16.65
CA TYR B 237 -6.59 1.60 -17.66
C TYR B 237 -8.07 1.86 -17.44
N GLY B 238 -8.58 2.91 -18.07
CA GLY B 238 -10.01 3.17 -18.12
C GLY B 238 -10.40 3.75 -19.46
N HIS B 239 -11.71 3.87 -19.72
CA HIS B 239 -12.19 4.33 -21.02
C HIS B 239 -13.25 5.42 -20.88
N ILE B 240 -13.27 6.37 -21.82
CA ILE B 240 -14.35 7.34 -21.91
C ILE B 240 -14.92 7.40 -23.33
N GLN B 241 -16.23 7.60 -23.44
CA GLN B 241 -16.89 7.68 -24.73
C GLN B 241 -16.93 9.12 -25.23
N LEU B 242 -16.49 9.34 -26.46
CA LEU B 242 -16.66 10.65 -27.10
C LEU B 242 -17.84 10.61 -28.06
N THR B 243 -18.55 11.73 -28.20
CA THR B 243 -19.56 11.83 -29.24
C THR B 243 -18.91 11.83 -30.61
N PRO B 244 -19.68 11.52 -31.65
CA PRO B 244 -19.11 11.48 -32.99
C PRO B 244 -18.40 12.78 -33.37
N GLU B 245 -18.94 13.92 -32.95
CA GLU B 245 -18.29 15.21 -33.20
C GLU B 245 -17.01 15.37 -32.39
N GLU B 246 -17.08 14.98 -31.11
CA GLU B 246 -15.91 15.03 -30.23
C GLU B 246 -14.81 14.13 -30.77
N ALA B 247 -15.19 12.91 -31.14
CA ALA B 247 -14.27 11.92 -31.67
C ALA B 247 -13.63 12.38 -32.97
N ALA B 248 -14.42 13.04 -33.82
CA ALA B 248 -13.92 13.60 -35.07
C ALA B 248 -12.81 14.62 -34.81
N ARG B 249 -12.98 15.44 -33.78
CA ARG B 249 -11.98 16.46 -33.42
C ARG B 249 -10.64 15.80 -33.04
N TYR B 250 -10.70 14.64 -32.39
CA TYR B 250 -9.53 14.02 -31.79
C TYR B 250 -8.86 13.04 -32.75
N LYS B 251 -9.58 12.70 -33.81
CA LYS B 251 -9.04 11.86 -34.87
C LYS B 251 -7.61 12.27 -35.25
N ASN B 252 -6.72 11.28 -35.28
CA ASN B 252 -5.35 11.50 -35.71
C ASN B 252 -4.51 12.32 -34.73
N SER B 253 -5.02 12.53 -33.53
CA SER B 253 -4.21 13.10 -32.44
C SER B 253 -2.98 12.23 -32.19
N PRO B 254 -1.83 12.87 -31.90
CA PRO B 254 -0.72 12.08 -31.37
C PRO B 254 -1.08 11.41 -30.06
N VAL B 255 -0.43 10.29 -29.75
CA VAL B 255 -0.33 9.80 -28.38
C VAL B 255 0.27 10.89 -27.51
N VAL B 256 -0.35 11.12 -26.36
CA VAL B 256 0.16 12.06 -25.39
C VAL B 256 0.50 11.39 -24.09
N TYR B 257 1.75 11.58 -23.65
CA TYR B 257 2.28 10.91 -22.48
C TYR B 257 3.00 11.92 -21.58
N ASN B 258 2.76 11.78 -20.29
CA ASN B 258 3.50 12.51 -19.26
C ASN B 258 3.69 11.57 -18.07
N GLY B 259 4.95 11.35 -17.69
CA GLY B 259 5.29 10.29 -16.71
C GLY B 259 4.71 10.55 -15.34
N ASP B 260 4.32 11.79 -15.08
CA ASP B 260 3.74 12.16 -13.81
C ASP B 260 2.21 12.11 -13.84
N VAL B 261 1.66 11.83 -15.01
CA VAL B 261 0.22 11.99 -15.23
C VAL B 261 -0.38 10.70 -15.77
N GLY B 262 0.20 10.17 -16.85
CA GLY B 262 -0.40 9.08 -17.59
C GLY B 262 -0.33 9.29 -19.09
N PHE B 263 -1.22 8.63 -19.83
CA PHE B 263 -1.28 8.82 -21.26
C PHE B 263 -2.66 8.53 -21.80
N PHE B 264 -2.95 9.06 -22.98
CA PHE B 264 -4.17 8.71 -23.69
C PHE B 264 -3.95 8.70 -25.20
N PHE B 265 -4.91 8.11 -25.91
CA PHE B 265 -4.75 7.78 -27.32
C PHE B 265 -5.87 8.49 -28.07
N GLU B 266 -5.74 8.61 -29.38
CA GLU B 266 -6.87 8.97 -30.23
C GLU B 266 -8.00 7.97 -30.04
N PRO B 267 -9.25 8.43 -30.18
CA PRO B 267 -10.38 7.51 -30.06
C PRO B 267 -10.32 6.42 -31.13
N ASN B 268 -10.85 5.25 -30.80
CA ASN B 268 -10.90 4.16 -31.77
C ASN B 268 -12.08 4.33 -32.72
N GLU B 269 -12.36 3.30 -33.51
CA GLU B 269 -13.40 3.41 -34.54
C GLU B 269 -14.80 3.54 -33.93
N HIS B 270 -14.90 3.32 -32.61
CA HIS B 270 -16.16 3.50 -31.90
C HIS B 270 -16.17 4.78 -31.04
N GLY B 271 -15.16 5.62 -31.21
CA GLY B 271 -15.12 6.91 -30.52
C GLY B 271 -14.75 6.78 -29.06
N VAL B 272 -14.01 5.72 -28.74
CA VAL B 272 -13.63 5.45 -27.35
C VAL B 272 -12.17 5.81 -27.13
N ILE B 273 -11.92 6.63 -26.11
CA ILE B 273 -10.55 6.97 -25.72
C ILE B 273 -10.09 6.15 -24.51
N LYS B 274 -8.91 5.57 -24.63
CA LYS B 274 -8.29 4.85 -23.52
C LYS B 274 -7.31 5.75 -22.80
N VAL B 275 -7.34 5.69 -21.47
CA VAL B 275 -6.49 6.53 -20.64
C VAL B 275 -5.84 5.66 -19.58
N CYS B 276 -4.54 5.85 -19.41
CA CYS B 276 -3.78 5.19 -18.36
C CYS B 276 -3.16 6.23 -17.45
N ASP B 277 -2.86 5.85 -16.22
CA ASP B 277 -1.95 6.62 -15.40
C ASP B 277 -0.53 6.07 -15.51
N GLU B 278 0.33 6.50 -14.62
CA GLU B 278 1.69 5.97 -14.58
C GLU B 278 2.11 5.79 -13.14
N PHE B 279 2.56 4.59 -12.81
CA PHE B 279 2.87 4.22 -11.45
C PHE B 279 3.63 2.89 -11.45
N PRO B 280 4.09 2.44 -10.28
CA PRO B 280 5.05 1.33 -10.22
C PRO B 280 4.44 -0.06 -10.36
N GLY B 281 3.13 -0.14 -10.60
CA GLY B 281 2.42 -1.41 -10.66
C GLY B 281 1.97 -1.92 -9.32
N PHE B 282 1.03 -2.87 -9.34
CA PHE B 282 0.56 -3.58 -8.14
C PHE B 282 0.88 -5.07 -8.23
N THR B 283 1.53 -5.61 -7.20
CA THR B 283 1.52 -7.05 -6.95
C THR B 283 0.16 -7.54 -6.44
N ARG B 284 -0.03 -8.85 -6.48
CA ARG B 284 -0.99 -9.50 -5.59
C ARG B 284 -0.40 -10.79 -5.02
N PHE B 285 0.26 -10.68 -3.88
CA PHE B 285 0.95 -11.82 -3.27
C PHE B 285 -0.04 -12.83 -2.72
N LYS B 286 0.27 -14.10 -2.93
CA LYS B 286 -0.42 -15.18 -2.24
C LYS B 286 0.42 -16.44 -2.33
N MET B 287 0.04 -17.44 -1.54
CA MET B 287 0.82 -18.68 -1.49
C MET B 287 0.59 -19.45 -2.78
N HIS B 288 1.68 -19.94 -3.36
CA HIS B 288 1.61 -20.73 -4.59
C HIS B 288 2.85 -21.60 -4.69
N GLN B 289 2.73 -22.75 -5.34
CA GLN B 289 3.87 -23.63 -5.54
C GLN B 289 4.12 -23.85 -7.04
N PRO B 290 5.01 -23.05 -7.63
CA PRO B 290 5.41 -23.35 -9.01
C PRO B 290 6.00 -24.75 -9.11
N PHE B 291 5.96 -25.34 -10.31
CA PHE B 291 6.70 -26.56 -10.57
C PHE B 291 8.19 -26.33 -10.38
N GLY B 292 8.82 -27.18 -9.58
CA GLY B 292 10.26 -27.07 -9.33
C GLY B 292 10.59 -26.36 -8.03
N ALA B 293 9.58 -25.73 -7.42
CA ALA B 293 9.70 -25.17 -6.08
C ALA B 293 9.42 -26.26 -5.04
N LYS B 294 10.20 -26.26 -3.96
CA LYS B 294 10.18 -27.35 -2.99
C LYS B 294 8.94 -27.30 -2.08
N ALA B 295 8.49 -26.09 -1.75
CA ALA B 295 7.21 -25.92 -1.06
C ALA B 295 6.50 -24.65 -1.53
N PRO B 296 5.21 -24.52 -1.21
CA PRO B 296 4.54 -23.28 -1.59
C PRO B 296 5.29 -22.06 -1.10
N LYS B 297 5.18 -20.98 -1.85
CA LYS B 297 5.89 -19.73 -1.55
C LYS B 297 4.93 -18.56 -1.68
N ARG B 298 5.23 -17.47 -0.98
CA ARG B 298 4.51 -16.21 -1.19
C ARG B 298 5.06 -15.53 -2.44
N ILE B 299 4.28 -15.54 -3.52
CA ILE B 299 4.68 -14.84 -4.74
C ILE B 299 3.50 -14.06 -5.31
N SER B 300 3.81 -13.11 -6.18
CA SER B 300 2.78 -12.33 -6.83
C SER B 300 2.13 -13.15 -7.91
N VAL B 301 0.85 -13.45 -7.70
CA VAL B 301 0.09 -14.28 -8.61
C VAL B 301 -1.00 -13.39 -9.21
N PRO B 302 -1.04 -13.29 -10.54
CA PRO B 302 -2.01 -12.41 -11.16
C PRO B 302 -3.43 -12.69 -10.71
N ARG B 303 -4.14 -11.62 -10.38
CA ARG B 303 -5.59 -11.66 -10.23
C ARG B 303 -6.23 -11.36 -11.58
N SER B 304 -6.58 -12.43 -12.31
CA SER B 304 -6.89 -12.30 -13.72
C SER B 304 -8.32 -11.78 -13.93
N HIS B 305 -8.43 -10.68 -14.64
CA HIS B 305 -9.73 -10.14 -15.05
C HIS B 305 -10.49 -11.10 -15.97
N ALA B 306 -9.78 -11.90 -16.75
CA ALA B 306 -10.44 -12.91 -17.57
C ALA B 306 -11.13 -13.94 -16.67
N LYS B 307 -10.51 -14.25 -15.55
CA LYS B 307 -11.07 -15.23 -14.61
C LYS B 307 -12.15 -14.61 -13.74
N HIS B 308 -12.04 -13.30 -13.51
CA HIS B 308 -12.89 -12.59 -12.58
C HIS B 308 -13.35 -11.29 -13.25
N PRO B 309 -14.24 -11.41 -14.25
CA PRO B 309 -14.54 -10.27 -15.12
C PRO B 309 -15.30 -9.14 -14.43
N THR B 310 -15.77 -9.36 -13.21
CA THR B 310 -16.39 -8.28 -12.44
C THR B 310 -15.35 -7.41 -11.74
N ASP B 311 -14.08 -7.82 -11.82
CA ASP B 311 -12.99 -7.01 -11.29
C ASP B 311 -12.88 -5.68 -12.03
N THR B 312 -12.51 -4.63 -11.31
CA THR B 312 -12.18 -3.37 -11.95
C THR B 312 -10.74 -2.96 -11.62
N ILE B 313 -10.59 -1.82 -10.94
CA ILE B 313 -9.28 -1.35 -10.53
C ILE B 313 -9.42 -0.73 -9.15
N PRO B 314 -8.29 -0.55 -8.44
CA PRO B 314 -8.32 0.09 -7.14
C PRO B 314 -8.93 1.48 -7.20
N ASP B 315 -9.49 1.94 -6.09
CA ASP B 315 -10.06 3.28 -6.01
C ASP B 315 -8.98 4.32 -6.25
N ALA B 316 -7.78 4.06 -5.73
CA ALA B 316 -6.65 4.96 -5.97
C ALA B 316 -6.36 5.10 -7.47
N SER B 317 -6.53 4.02 -8.21
CA SER B 317 -6.27 4.03 -9.66
C SER B 317 -7.36 4.84 -10.41
N ASP B 318 -8.60 4.72 -9.95
CA ASP B 318 -9.69 5.53 -10.48
C ASP B 318 -9.41 7.02 -10.24
N VAL B 319 -8.95 7.37 -9.04
CA VAL B 319 -8.57 8.75 -8.75
C VAL B 319 -7.45 9.22 -9.69
N SER B 320 -6.42 8.41 -9.85
CA SER B 320 -5.26 8.84 -10.63
C SER B 320 -5.59 8.93 -12.13
N ILE B 321 -6.36 7.99 -12.65
CA ILE B 321 -6.79 8.09 -14.04
C ILE B 321 -7.68 9.32 -14.26
N ARG B 322 -8.62 9.54 -13.35
CA ARG B 322 -9.47 10.74 -13.40
C ARG B 322 -8.64 12.02 -13.45
N ARG B 323 -7.58 12.08 -12.65
CA ARG B 323 -6.71 13.24 -12.63
C ARG B 323 -6.05 13.42 -13.99
N ALA B 324 -5.69 12.30 -14.61
CA ALA B 324 -5.17 12.30 -15.97
C ALA B 324 -6.15 12.93 -16.95
N ILE B 325 -7.42 12.55 -16.85
CA ILE B 325 -8.44 13.09 -17.73
C ILE B 325 -8.57 14.61 -17.52
N ALA B 326 -8.60 15.03 -16.27
CA ALA B 326 -8.83 16.44 -15.96
C ALA B 326 -7.65 17.28 -16.43
N THR B 327 -6.46 16.68 -16.43
CA THR B 327 -5.25 17.35 -16.92
C THR B 327 -5.19 17.39 -18.45
N PHE B 328 -5.42 16.24 -19.10
CA PHE B 328 -5.23 16.11 -20.55
C PHE B 328 -6.47 16.61 -21.32
N MET B 329 -7.64 16.33 -20.77
CA MET B 329 -8.91 16.62 -21.44
C MET B 329 -9.89 17.27 -20.45
N PRO B 330 -9.56 18.46 -19.95
CA PRO B 330 -10.36 19.08 -18.91
C PRO B 330 -11.86 19.17 -19.26
N GLN B 331 -12.18 19.25 -20.54
CA GLN B 331 -13.57 19.50 -20.95
C GLN B 331 -14.35 18.20 -20.95
N PHE B 332 -13.66 17.10 -20.66
CA PHE B 332 -14.29 15.79 -20.52
C PHE B 332 -14.26 15.33 -19.06
N LYS B 333 -13.93 16.24 -18.15
CA LYS B 333 -13.55 15.84 -16.81
C LYS B 333 -14.71 15.15 -16.09
N ASN B 334 -15.93 15.33 -16.60
CA ASN B 334 -17.10 14.75 -15.96
C ASN B 334 -17.66 13.54 -16.73
N LYS B 335 -17.01 13.18 -17.84
CA LYS B 335 -17.41 11.98 -18.58
C LYS B 335 -17.24 10.73 -17.73
N LYS B 336 -18.19 9.81 -17.85
CA LYS B 336 -18.15 8.58 -17.05
C LYS B 336 -17.07 7.66 -17.61
N MET B 337 -16.29 7.05 -16.73
CA MET B 337 -15.34 6.01 -17.15
C MET B 337 -15.99 4.63 -17.13
N PHE B 338 -15.62 3.81 -18.11
CA PHE B 338 -16.12 2.45 -18.18
C PHE B 338 -15.02 1.49 -18.63
N ASN B 339 -15.29 0.20 -18.54
CA ASN B 339 -14.30 -0.83 -18.85
C ASN B 339 -12.92 -0.49 -18.27
N GLN B 340 -12.92 -0.11 -16.99
CA GLN B 340 -11.73 -0.11 -16.14
C GLN B 340 -11.29 -1.52 -15.79
N ALA B 341 -10.00 -1.82 -16.02
CA ALA B 341 -9.49 -3.17 -15.74
C ALA B 341 -7.98 -3.18 -15.53
N MET B 342 -7.47 -4.30 -15.03
CA MET B 342 -6.03 -4.47 -14.84
C MET B 342 -5.48 -5.41 -15.90
N CYS B 343 -4.27 -5.15 -16.37
CA CYS B 343 -3.51 -6.17 -17.06
C CYS B 343 -2.13 -6.38 -16.42
N TRP B 344 -1.59 -7.58 -16.64
CA TRP B 344 -0.51 -8.11 -15.83
C TRP B 344 0.73 -8.25 -16.68
N CYS B 345 1.86 -7.82 -16.13
CA CYS B 345 3.16 -8.03 -16.73
C CYS B 345 4.10 -8.57 -15.65
N THR B 346 5.31 -8.96 -16.05
CA THR B 346 6.28 -9.43 -15.08
C THR B 346 7.61 -8.70 -15.26
N ASP B 347 8.10 -8.13 -14.16
CA ASP B 347 9.33 -7.33 -14.18
C ASP B 347 10.50 -8.19 -13.81
N THR B 348 11.59 -8.03 -14.54
CA THR B 348 12.90 -8.46 -14.06
C THR B 348 13.59 -7.32 -13.33
N ALA B 349 14.65 -7.65 -12.59
CA ALA B 349 15.34 -6.63 -11.82
C ALA B 349 15.91 -5.53 -12.70
N ASP B 350 16.39 -5.89 -13.89
CA ASP B 350 17.05 -4.91 -14.74
C ASP B 350 16.18 -4.53 -15.95
N ALA B 351 14.94 -5.02 -15.96
CA ALA B 351 13.94 -4.58 -16.94
C ALA B 351 14.19 -5.15 -18.33
N ALA B 352 15.18 -6.04 -18.43
CA ALA B 352 15.43 -6.77 -19.67
C ALA B 352 14.72 -8.13 -19.66
N LEU B 353 14.59 -8.71 -20.85
CA LEU B 353 13.84 -9.93 -21.03
C LEU B 353 14.55 -11.11 -20.38
N LEU B 354 13.80 -12.19 -20.17
CA LEU B 354 14.37 -13.45 -19.68
C LEU B 354 14.03 -14.51 -20.69
N ILE B 355 15.00 -14.77 -21.56
CA ILE B 355 14.85 -15.70 -22.66
C ILE B 355 16.09 -16.60 -22.69
N CYS B 356 15.91 -17.84 -22.26
CA CYS B 356 17.03 -18.72 -21.97
C CYS B 356 16.49 -20.13 -21.74
N GLU B 357 17.34 -21.14 -21.87
CA GLU B 357 16.97 -22.49 -21.44
C GLU B 357 16.93 -22.52 -19.91
N HIS B 358 15.94 -23.22 -19.37
CA HIS B 358 15.83 -23.41 -17.94
C HIS B 358 16.90 -24.40 -17.51
N PRO B 359 17.71 -24.03 -16.51
CA PRO B 359 18.89 -24.83 -16.22
C PRO B 359 18.49 -26.20 -15.64
N GLU B 360 17.30 -26.30 -15.09
CA GLU B 360 16.83 -27.57 -14.52
C GLU B 360 16.42 -28.57 -15.59
N TRP B 361 15.90 -28.09 -16.73
CA TRP B 361 15.22 -28.95 -17.67
C TRP B 361 15.67 -28.71 -19.12
N LYS B 362 16.35 -29.69 -19.69
CA LYS B 362 16.82 -29.56 -21.07
C LYS B 362 15.64 -29.48 -22.02
N ASN B 363 15.79 -28.64 -23.05
CA ASN B 363 14.75 -28.44 -24.07
C ASN B 363 13.60 -27.53 -23.63
N PHE B 364 13.61 -27.15 -22.35
CA PHE B 364 12.61 -26.22 -21.81
C PHE B 364 13.15 -24.79 -21.83
N VAL B 365 12.49 -23.93 -22.60
CA VAL B 365 13.02 -22.59 -22.86
C VAL B 365 12.06 -21.53 -22.30
N LEU B 366 12.60 -20.58 -21.54
CA LEU B 366 11.83 -19.44 -21.03
C LEU B 366 11.81 -18.31 -22.05
N ALA B 367 10.64 -17.69 -22.23
CA ALA B 367 10.57 -16.44 -22.99
C ALA B 367 9.59 -15.48 -22.34
N THR B 368 10.10 -14.75 -21.36
CA THR B 368 9.25 -13.93 -20.49
C THR B 368 10.09 -12.73 -20.05
N GLY B 369 9.77 -12.14 -18.91
CA GLY B 369 10.44 -10.92 -18.45
C GLY B 369 10.09 -9.67 -19.26
N ASP B 370 8.87 -9.62 -19.75
CA ASP B 370 8.41 -8.51 -20.61
C ASP B 370 8.58 -7.14 -19.98
N SER B 371 8.50 -7.10 -18.65
CA SER B 371 8.80 -5.90 -17.89
C SER B 371 7.96 -4.70 -18.33
N GLY B 372 6.77 -4.96 -18.84
CA GLY B 372 5.75 -3.93 -18.99
C GLY B 372 5.96 -3.04 -20.20
N HIS B 373 6.85 -3.43 -21.10
CA HIS B 373 7.16 -2.58 -22.25
C HIS B 373 7.47 -3.40 -23.49
N SER B 374 6.86 -4.57 -23.60
CA SER B 374 7.22 -5.49 -24.68
C SER B 374 6.14 -5.75 -25.72
N PHE B 375 4.98 -5.11 -25.64
CA PHE B 375 3.99 -5.43 -26.67
C PHE B 375 4.51 -5.02 -28.05
N LYS B 376 5.21 -3.90 -28.10
CA LYS B 376 5.74 -3.39 -29.35
C LYS B 376 6.62 -4.42 -30.05
N LEU B 377 7.10 -5.41 -29.30
CA LEU B 377 8.01 -6.40 -29.87
C LEU B 377 7.27 -7.60 -30.47
N LEU B 378 5.96 -7.48 -30.63
CA LEU B 378 5.16 -8.60 -31.15
C LEU B 378 5.70 -9.08 -32.49
N PRO B 379 6.02 -8.14 -33.40
CA PRO B 379 6.44 -8.56 -34.74
C PRO B 379 7.71 -9.39 -34.75
N ASN B 380 8.69 -9.04 -33.91
CA ASN B 380 10.08 -9.49 -34.09
C ASN B 380 10.63 -10.42 -33.01
N ILE B 381 10.11 -10.33 -31.78
CA ILE B 381 10.71 -11.10 -30.68
C ILE B 381 10.77 -12.60 -30.97
N GLY B 382 9.72 -13.13 -31.58
CA GLY B 382 9.68 -14.53 -31.95
C GLY B 382 10.89 -14.99 -32.75
N LYS B 383 11.47 -14.07 -33.52
CA LYS B 383 12.60 -14.44 -34.37
C LYS B 383 13.79 -14.83 -33.51
N HIS B 384 13.93 -14.19 -32.35
CA HIS B 384 15.07 -14.44 -31.51
C HIS B 384 14.84 -15.66 -30.63
N VAL B 385 13.58 -15.92 -30.30
CA VAL B 385 13.24 -17.13 -29.53
C VAL B 385 13.57 -18.36 -30.38
N VAL B 386 13.24 -18.30 -31.66
CA VAL B 386 13.57 -19.37 -32.60
C VAL B 386 15.09 -19.54 -32.74
N GLU B 387 15.81 -18.44 -32.84
CA GLU B 387 17.26 -18.47 -32.86
C GLU B 387 17.80 -19.26 -31.67
N LEU B 388 17.33 -18.93 -30.47
CA LEU B 388 17.75 -19.63 -29.27
C LEU B 388 17.48 -21.13 -29.36
N LEU B 389 16.29 -21.49 -29.82
CA LEU B 389 15.90 -22.89 -29.96
C LEU B 389 16.85 -23.63 -30.91
N GLU B 390 17.39 -22.89 -31.88
CA GLU B 390 18.23 -23.45 -32.92
C GLU B 390 19.71 -23.28 -32.58
N GLY B 391 19.97 -22.69 -31.41
CA GLY B 391 21.32 -22.55 -30.91
C GLY B 391 22.14 -21.48 -31.62
N THR B 392 21.46 -20.51 -32.24
CA THR B 392 22.15 -19.53 -33.09
C THR B 392 21.95 -18.10 -32.59
N LEU B 393 21.55 -17.97 -31.33
CA LEU B 393 21.24 -16.65 -30.77
C LEU B 393 22.51 -15.83 -30.58
N ALA B 394 22.47 -14.58 -30.99
CA ALA B 394 23.60 -13.68 -30.84
C ALA B 394 24.02 -13.58 -29.38
N ASP B 395 25.31 -13.37 -29.15
CA ASP B 395 25.88 -13.34 -27.80
C ASP B 395 25.33 -12.22 -26.93
N ASP B 396 25.13 -11.04 -27.52
CA ASP B 396 24.65 -9.89 -26.75
C ASP B 396 23.21 -10.09 -26.29
N LEU B 397 22.35 -10.56 -27.19
CA LEU B 397 21.01 -10.97 -26.80
C LEU B 397 21.08 -12.05 -25.70
N ALA B 398 21.81 -13.13 -25.98
CA ALA B 398 21.89 -14.24 -25.03
C ALA B 398 22.24 -13.73 -23.62
N HIS B 399 23.18 -12.80 -23.55
CA HIS B 399 23.68 -12.35 -22.26
C HIS B 399 22.67 -11.42 -21.57
N ALA B 400 22.10 -10.50 -22.33
CA ALA B 400 21.05 -9.64 -21.81
C ALA B 400 19.88 -10.45 -21.24
N TRP B 401 19.67 -11.65 -21.77
CA TRP B 401 18.44 -12.41 -21.51
C TRP B 401 18.68 -13.64 -20.63
N ARG B 402 19.92 -13.79 -20.16
CA ARG B 402 20.37 -15.01 -19.50
C ARG B 402 19.66 -15.28 -18.17
N TRP B 403 19.60 -16.56 -17.80
CA TRP B 403 19.35 -16.96 -16.42
C TRP B 403 20.22 -16.20 -15.44
N ARG B 404 19.59 -15.56 -14.46
CA ARG B 404 20.29 -14.62 -13.58
C ARG B 404 19.59 -14.40 -12.24
N PRO B 405 19.29 -15.49 -11.52
CA PRO B 405 18.78 -15.37 -10.15
C PRO B 405 19.74 -14.61 -9.24
N GLY B 406 19.20 -13.77 -8.35
CA GLY B 406 20.01 -13.10 -7.34
C GLY B 406 20.70 -11.85 -7.86
N SER B 407 20.21 -11.33 -8.99
CA SER B 407 20.87 -10.23 -9.67
C SER B 407 20.20 -8.89 -9.36
N GLY B 408 19.21 -8.91 -8.47
CA GLY B 408 18.64 -7.68 -7.93
C GLY B 408 17.14 -7.79 -7.70
N ASP B 409 16.54 -6.73 -7.17
CA ASP B 409 15.20 -6.80 -6.61
C ASP B 409 14.15 -6.41 -7.65
N ALA B 410 13.44 -7.41 -8.16
CA ALA B 410 12.49 -7.17 -9.24
C ALA B 410 11.22 -6.50 -8.72
N LEU B 411 11.02 -6.53 -7.41
CA LEU B 411 9.89 -5.86 -6.81
C LEU B 411 9.93 -4.38 -7.10
N LYS B 412 11.12 -3.80 -7.08
CA LYS B 412 11.33 -2.42 -7.49
C LYS B 412 11.78 -2.32 -8.93
N SER B 413 12.49 -3.33 -9.41
CA SER B 413 13.02 -3.34 -10.76
C SER B 413 13.68 -1.99 -11.03
N ARG B 414 13.42 -1.41 -12.19
CA ARG B 414 13.96 -0.11 -12.52
C ARG B 414 12.92 0.99 -12.38
N ARG B 415 11.89 0.74 -11.59
CA ARG B 415 10.81 1.72 -11.42
C ARG B 415 11.08 2.60 -10.20
N SER B 416 10.15 3.50 -9.89
CA SER B 416 10.40 4.53 -8.87
C SER B 416 10.31 3.98 -7.45
N ALA B 417 9.70 2.82 -7.28
CA ALA B 417 9.39 2.32 -5.95
C ALA B 417 9.05 0.83 -6.02
N PRO B 418 9.27 0.10 -4.91
CA PRO B 418 8.71 -1.24 -4.84
C PRO B 418 7.20 -1.19 -5.08
N ALA B 419 6.68 -2.13 -5.84
CA ALA B 419 5.25 -2.16 -6.13
C ALA B 419 4.46 -2.33 -4.82
N LYS B 420 3.36 -1.62 -4.71
CA LYS B 420 2.39 -1.88 -3.65
C LYS B 420 1.55 -3.10 -4.02
N ASP B 421 0.76 -3.58 -3.06
CA ASP B 421 -0.04 -4.77 -3.28
C ASP B 421 -1.55 -4.47 -3.35
N LEU B 422 -2.25 -5.20 -4.21
CA LEU B 422 -3.70 -5.04 -4.36
C LEU B 422 -4.46 -5.31 -3.06
N ALA B 423 -3.88 -6.09 -2.17
CA ALA B 423 -4.47 -6.34 -0.86
C ALA B 423 -4.67 -5.01 -0.12
N ASP B 424 -3.73 -4.09 -0.35
CA ASP B 424 -3.73 -2.81 0.35
C ASP B 424 -4.28 -1.67 -0.51
N MET B 425 -4.73 -1.99 -1.73
CA MET B 425 -5.31 -1.00 -2.63
C MET B 425 -6.72 -1.41 -3.05
N PRO B 426 -7.71 -1.15 -2.19
CA PRO B 426 -9.04 -1.74 -2.35
C PRO B 426 -9.90 -1.05 -3.41
N GLY B 427 -10.94 -1.75 -3.88
CA GLY B 427 -11.92 -1.15 -4.77
C GLY B 427 -12.05 -1.88 -6.09
N TRP B 428 -11.17 -2.84 -6.33
CA TRP B 428 -11.17 -3.59 -7.58
C TRP B 428 -12.04 -4.85 -7.49
N ASN B 429 -12.29 -5.29 -6.26
CA ASN B 429 -12.97 -6.56 -6.04
C ASN B 429 -14.46 -6.36 -5.85
N HIS B 430 -15.25 -6.95 -6.74
CA HIS B 430 -16.69 -6.82 -6.66
C HIS B 430 -17.35 -8.19 -6.58
N ASP B 431 -16.63 -9.14 -6.02
CA ASP B 431 -17.24 -10.40 -5.57
C ASP B 431 -18.35 -10.10 -4.55
PA FAD C . -5.95 0.19 23.50
O1A FAD C . -6.17 0.79 22.13
O2A FAD C . -6.84 0.57 24.65
O5B FAD C . -6.00 -1.40 23.23
C5B FAD C . -5.91 -2.35 24.27
C4B FAD C . -6.79 -3.52 23.87
O4B FAD C . -6.61 -4.61 24.76
C3B FAD C . -8.27 -3.16 23.95
O3B FAD C . -8.91 -3.40 22.70
C2B FAD C . -8.84 -4.08 25.01
O2B FAD C . -10.20 -4.48 24.74
C1B FAD C . -7.87 -5.24 24.93
N9A FAD C . -7.88 -6.09 26.13
C8A FAD C . -7.96 -5.68 27.42
N7A FAD C . -7.95 -6.75 28.25
C5A FAD C . -7.89 -7.86 27.47
C6A FAD C . -7.85 -9.30 27.70
N6A FAD C . -7.89 -9.80 28.96
N1A FAD C . -7.79 -10.11 26.62
C2A FAD C . -7.74 -9.64 25.36
N3A FAD C . -7.78 -8.32 25.08
C4A FAD C . -7.85 -7.41 26.08
N1 FAD C . -2.78 9.61 21.77
C2 FAD C . -2.30 10.41 20.78
O2 FAD C . -1.44 9.95 20.00
N3 FAD C . -2.70 11.69 20.62
C4 FAD C . -3.61 12.26 21.41
O4 FAD C . -3.98 13.45 21.26
C4X FAD C . -4.19 11.47 22.50
N5 FAD C . -5.12 11.99 23.34
C5X FAD C . -5.86 11.17 24.10
C6 FAD C . -7.01 11.66 24.71
C7 FAD C . -7.79 10.81 25.50
C7M FAD C . -9.04 11.32 26.17
C8 FAD C . -7.35 9.40 25.69
C8M FAD C . -8.17 8.47 26.54
C9 FAD C . -6.19 8.92 25.08
C9A FAD C . -5.44 9.76 24.29
N10 FAD C . -4.25 9.30 23.66
C10 FAD C . -3.72 10.08 22.64
C1' FAD C . -3.79 7.94 23.84
C2' FAD C . -4.27 6.86 22.91
O2' FAD C . -5.70 6.76 22.91
C3' FAD C . -3.59 5.60 23.47
O3' FAD C . -2.22 5.90 23.78
C4' FAD C . -3.65 4.39 22.56
O4' FAD C . -4.95 4.38 21.96
C5' FAD C . -3.41 3.14 23.40
O5' FAD C . -3.18 2.01 22.57
P FAD C . -3.12 0.50 23.16
O1P FAD C . -3.20 -0.43 21.98
O2P FAD C . -1.95 0.43 24.11
O3P FAD C . -4.46 0.39 24.05
C ACY D . -3.42 12.20 27.91
O ACY D . -2.34 11.61 28.07
OXT ACY D . -3.57 13.42 28.13
CH3 ACY D . -4.62 11.42 27.43
CL CL E . -3.25 17.77 16.76
CL CL F . -15.08 -2.54 38.34
CL CL G . -20.82 30.37 16.93
NA NA H . -15.30 4.44 22.55
NA NA I . -13.16 35.94 17.89
PA FAD J . 1.03 -11.94 -22.42
O1A FAD J . 0.75 -11.28 -23.76
O2A FAD J . 0.19 -11.60 -21.21
O5B FAD J . 0.93 -13.51 -22.73
C5B FAD J . 1.04 -14.47 -21.69
C4B FAD J . 0.15 -15.62 -22.09
O4B FAD J . 0.36 -16.69 -21.17
C3B FAD J . -1.33 -15.24 -22.02
O3B FAD J . -1.99 -15.46 -23.28
C2B FAD J . -1.91 -16.17 -20.98
O2B FAD J . -3.27 -16.55 -21.27
C1B FAD J . -0.91 -17.33 -21.05
N9A FAD J . -0.93 -18.23 -19.88
C8A FAD J . -0.99 -17.89 -18.58
N7A FAD J . -0.99 -19.00 -17.81
C5A FAD J . -0.92 -20.06 -18.64
C6A FAD J . -0.89 -21.52 -18.48
N6A FAD J . -0.93 -22.04 -17.24
N1A FAD J . -0.82 -22.28 -19.59
C2A FAD J . -0.78 -21.75 -20.82
N3A FAD J . -0.81 -20.41 -21.03
C4A FAD J . -0.88 -19.54 -20.00
N1 FAD J . 4.05 -2.44 -24.01
C2 FAD J . 4.41 -1.61 -25.01
O2 FAD J . 5.25 -2.01 -25.85
N3 FAD J . 3.94 -0.35 -25.12
C4 FAD J . 3.04 0.15 -24.27
O4 FAD J . 2.58 1.31 -24.39
C4X FAD J . 2.59 -0.70 -23.15
N5 FAD J . 1.69 -0.24 -22.25
C5X FAD J . 1.09 -1.11 -21.41
C6 FAD J . -0.01 -0.69 -20.68
C7 FAD J . -0.63 -1.58 -19.80
C7M FAD J . -1.83 -1.12 -19.01
C8 FAD J . -0.11 -2.95 -19.65
C8M FAD J . -0.76 -3.92 -18.69
C9 FAD J . 1.00 -3.37 -20.38
C9A FAD J . 1.62 -2.49 -21.27
N10 FAD J . 2.75 -2.89 -22.02
C10 FAD J . 3.16 -2.05 -23.07
C1' FAD J . 3.30 -4.23 -21.86
C2' FAD J . 2.81 -5.29 -22.82
O2' FAD J . 1.38 -5.38 -22.77
C3' FAD J . 3.46 -6.57 -22.33
O3' FAD J . 4.86 -6.33 -22.04
C4' FAD J . 3.30 -7.75 -23.28
O4' FAD J . 1.96 -7.73 -23.79
C5' FAD J . 3.57 -9.04 -22.52
O5' FAD J . 3.85 -10.10 -23.42
P FAD J . 3.85 -11.63 -22.92
O1P FAD J . 3.64 -12.54 -24.11
O2P FAD J . 5.05 -11.81 -22.01
O3P FAD J . 2.57 -11.71 -21.95
C ACY K . 4.26 -0.03 -17.89
O ACY K . 5.42 -0.48 -17.99
OXT ACY K . 4.03 1.15 -17.57
CH3 ACY K . 3.10 -0.94 -18.17
CL CL L . -14.18 18.33 -27.41
CL CL M . -7.76 -15.02 -7.30
NA NA N . -6.68 23.89 -26.46
NA NA O . -8.26 -7.48 -22.70
#